data_7DQ1
#
_entry.id   7DQ1
#
_cell.length_a   1.00
_cell.length_b   1.00
_cell.length_c   1.00
_cell.angle_alpha   90.00
_cell.angle_beta   90.00
_cell.angle_gamma   90.00
#
_symmetry.space_group_name_H-M   'P 1'
#
loop_
_entity.id
_entity.type
_entity.pdbx_description
1 polymer 'Virion protein 1'
2 polymer VP2
3 polymer VP3
4 polymer 'Capsid protein VP4'
5 polymer 'Coxsackievirus and adenovirus receptor'
#
loop_
_entity_poly.entity_id
_entity_poly.type
_entity_poly.pdbx_seq_one_letter_code
_entity_poly.pdbx_strand_id
1 'polypeptide(L)'
;GPVEESVDRAVARVADTISSRPTNSESIPALTAAETGHTSQVVPSDTMQTRHVKNYHSRSESSIENFLCRSACVYYATYT
NNSKKGFAEWVINTRQVAQLRRKLELFTYLRFDLELTFVITSAQQPSTASSVDAPVQTHQIMYVPPGGPVPTKVKDYAWQ
TSTNPSVFWTEGNAPPRMSIPFISIGNAYSCFYDGWTQFSRNGVYGINTLNNMGTLYMRHVNEAGQGPIKSTVRIYFKPK
HVKAWVPRPPRLCQYEKQKNVNFSPIGVTTSRTDIITT
;
1
2 'polypeptide(L)'
;SPSAEECGYSDRVRSITLGNSTITTQECANVVVGYGVWPEYLKDNEATAEDQPTQPDVATCRFYTLESVQWMKNSAGWWW
KLPDALSQMGLFGQNMQYHYLGRTGYTIHVQCNASKFHQGCLLVVCVPEAEMGCSNLNNTPEFSELSGGDSARMFTDTQV
GESNAKKVQTAVWNAGMGVGVGNLTIFPHQWINLRTNNSATLVMPYINSVPMDNMFRHNNLTLMIIPFVPLNYSEGSSPY
VPITVTIAPMCAEYNGLRLASNQ
;
2
3 'polypeptide(L)'
;GLPVMTTPGSTQFLTSDDFQSPSAMPQFDVTPEMQIPGRVNNLMEIAEVDSVVPVNNTEDNVSSLKAYQIPVQSNSDNGK
QVFGFPLQPGANNVLNRTLLGEILNYYTHWSGSIKLTFMFCGSAMATGKFLLAYSPPGAGVPKNRKDAMLGTHVIWDVGL
QSSCVLCVPWISQTHYRYVVEDEYTAAGYVTCWYQTNIVVPADVQSSCDILCFVSACNDFSVRMLKDTPFIRQDTFYQ
;
3
4 'polypeptide(L)' MGAQVSTQKTGAHETGLNASGNSVIHYTNINYYKDAASNSANRQDFTQDPGKFTEPVKDIMVKTMPALN 4
5 'polypeptide(L)'
;LSITTPEEMIEKAKGETAYLPCKFTLSPEDQGPLDIEWLISPADNQKVDQVIILYSGDKIYDDYYPDLKGRVHFTSNDLK
SGDASINVTNLQLSDIGTYQCKVKKAPGVANKKIHLVVLVK
;
K
#
# COMPACT_ATOMS: atom_id res chain seq x y z
N ALA A 12 9.88 -7.91 -26.60
CA ALA A 12 8.60 -7.76 -25.91
C ALA A 12 7.78 -6.64 -26.52
N ARG A 13 7.39 -6.80 -27.77
CA ARG A 13 6.60 -5.79 -28.46
C ARG A 13 5.16 -5.80 -27.93
N VAL A 14 4.47 -4.70 -28.21
CA VAL A 14 3.06 -4.58 -27.85
C VAL A 14 2.23 -5.19 -28.96
N ALA A 15 0.96 -5.44 -28.70
CA ALA A 15 0.09 -6.00 -29.72
C ALA A 15 -0.23 -4.96 -30.78
N ASP A 16 -0.47 -5.44 -32.00
CA ASP A 16 -0.80 -4.58 -33.12
C ASP A 16 -2.31 -4.32 -33.13
N THR A 17 -2.79 -3.77 -34.25
CA THR A 17 -4.21 -3.56 -34.44
C THR A 17 -4.59 -3.95 -35.87
N ILE A 18 -5.68 -4.68 -36.00
CA ILE A 18 -6.11 -5.24 -37.26
C ILE A 18 -7.27 -4.40 -37.78
N SER A 19 -7.40 -4.31 -39.10
CA SER A 19 -8.43 -3.49 -39.71
C SER A 19 -9.81 -4.11 -39.53
N SER A 20 -10.84 -3.31 -39.79
CA SER A 20 -12.21 -3.74 -39.57
C SER A 20 -13.11 -3.21 -40.68
N ARG A 21 -14.29 -3.79 -40.78
CA ARG A 21 -15.31 -3.45 -41.75
C ARG A 21 -16.56 -3.00 -41.02
N PRO A 22 -17.44 -2.22 -41.67
CA PRO A 22 -18.66 -1.78 -40.98
C PRO A 22 -19.66 -2.91 -40.78
N THR A 23 -19.77 -3.39 -39.56
CA THR A 23 -20.64 -4.52 -39.26
C THR A 23 -22.01 -4.05 -38.81
N ASN A 24 -22.96 -4.98 -38.85
CA ASN A 24 -24.30 -4.79 -38.30
C ASN A 24 -24.84 -6.18 -37.99
N SER A 25 -24.76 -6.59 -36.73
CA SER A 25 -25.12 -7.96 -36.38
C SER A 25 -25.49 -8.01 -34.91
N GLU A 26 -25.61 -9.23 -34.38
CA GLU A 26 -26.05 -9.44 -33.00
C GLU A 26 -24.91 -9.45 -32.00
N SER A 27 -23.68 -9.69 -32.43
CA SER A 27 -22.55 -9.77 -31.52
C SER A 27 -22.11 -8.36 -31.13
N ILE A 28 -22.45 -7.94 -29.91
CA ILE A 28 -22.12 -6.61 -29.43
C ILE A 28 -20.87 -6.70 -28.55
N PRO A 29 -19.77 -6.08 -28.94
CA PRO A 29 -18.55 -6.17 -28.12
C PRO A 29 -18.44 -5.06 -27.10
N ALA A 30 -19.21 -3.99 -27.28
CA ALA A 30 -19.09 -2.81 -26.44
C ALA A 30 -19.93 -2.88 -25.17
N LEU A 31 -21.15 -3.36 -25.25
CA LEU A 31 -21.97 -3.52 -24.06
C LEU A 31 -21.43 -4.68 -23.22
N THR A 32 -21.32 -4.44 -21.92
CA THR A 32 -20.82 -5.46 -21.00
C THR A 32 -21.44 -5.21 -19.64
N ALA A 33 -20.89 -5.84 -18.61
CA ALA A 33 -21.33 -5.63 -17.24
C ALA A 33 -20.10 -5.67 -16.34
N ALA A 34 -19.83 -4.55 -15.67
CA ALA A 34 -18.69 -4.46 -14.77
C ALA A 34 -18.99 -5.01 -13.38
N GLU A 35 -20.15 -5.65 -13.20
CA GLU A 35 -20.51 -6.22 -11.92
C GLU A 35 -19.66 -7.41 -11.57
N THR A 36 -19.20 -8.15 -12.57
CA THR A 36 -18.47 -9.39 -12.33
C THR A 36 -17.02 -9.17 -11.99
N GLY A 37 -16.57 -7.94 -11.80
CA GLY A 37 -15.19 -7.67 -11.49
C GLY A 37 -14.24 -7.94 -12.63
N HIS A 38 -14.73 -7.98 -13.85
CA HIS A 38 -13.96 -8.33 -15.03
C HIS A 38 -13.79 -7.08 -15.85
N THR A 39 -12.57 -6.53 -15.85
CA THR A 39 -12.27 -5.40 -16.71
C THR A 39 -12.31 -5.85 -18.16
N SER A 40 -12.98 -5.04 -18.98
CA SER A 40 -13.26 -5.42 -20.35
C SER A 40 -11.98 -5.48 -21.18
N GLN A 41 -11.98 -6.34 -22.18
CA GLN A 41 -10.80 -6.59 -22.99
C GLN A 41 -11.05 -6.19 -24.44
N VAL A 42 -11.71 -5.06 -24.65
CA VAL A 42 -12.05 -4.66 -26.01
C VAL A 42 -10.82 -4.06 -26.69
N VAL A 43 -10.89 -4.02 -28.01
CA VAL A 43 -9.84 -3.47 -28.87
C VAL A 43 -10.50 -2.26 -29.52
N PRO A 44 -9.76 -1.24 -29.95
CA PRO A 44 -10.39 -0.16 -30.73
C PRO A 44 -10.89 -0.59 -32.11
N SER A 45 -10.58 -1.80 -32.56
CA SER A 45 -11.11 -2.31 -33.82
C SER A 45 -12.55 -2.80 -33.73
N ASP A 46 -13.20 -2.65 -32.57
CA ASP A 46 -14.55 -3.13 -32.39
C ASP A 46 -15.60 -2.03 -32.38
N THR A 47 -15.21 -0.78 -32.13
CA THR A 47 -16.16 0.32 -32.06
C THR A 47 -16.01 1.30 -33.20
N MET A 48 -15.06 1.11 -34.11
CA MET A 48 -14.88 1.99 -35.25
C MET A 48 -14.19 1.21 -36.37
N GLN A 49 -13.72 1.94 -37.37
CA GLN A 49 -12.97 1.34 -38.47
C GLN A 49 -11.52 1.76 -38.35
N THR A 50 -10.63 0.79 -38.23
CA THR A 50 -9.21 1.06 -38.09
C THR A 50 -8.45 0.53 -39.29
N ARG A 51 -7.19 0.94 -39.38
CA ARG A 51 -6.26 0.47 -40.40
C ARG A 51 -5.25 -0.47 -39.75
N HIS A 52 -4.64 -1.32 -40.57
CA HIS A 52 -3.68 -2.29 -40.06
C HIS A 52 -2.38 -1.57 -39.78
N VAL A 53 -2.13 -1.26 -38.52
CA VAL A 53 -0.94 -0.51 -38.12
C VAL A 53 0.09 -1.49 -37.59
N LYS A 54 1.20 -1.59 -38.32
CA LYS A 54 2.40 -2.21 -37.78
C LYS A 54 2.84 -1.43 -36.54
N ASN A 55 2.96 -2.13 -35.42
CA ASN A 55 3.22 -1.46 -34.15
C ASN A 55 4.57 -1.91 -33.61
N TYR A 56 5.46 -0.95 -33.34
CA TYR A 56 6.84 -1.25 -33.02
C TYR A 56 7.27 -0.71 -31.66
N HIS A 57 6.33 -0.40 -30.79
CA HIS A 57 6.69 0.07 -29.46
C HIS A 57 7.19 -1.08 -28.60
N SER A 58 7.68 -0.73 -27.41
CA SER A 58 8.25 -1.72 -26.52
C SER A 58 7.81 -1.45 -25.09
N ARG A 59 7.55 -2.51 -24.34
CA ARG A 59 7.20 -2.42 -22.93
C ARG A 59 8.39 -2.76 -22.06
N SER A 60 9.59 -2.37 -22.46
CA SER A 60 10.78 -2.76 -21.73
C SER A 60 10.94 -1.93 -20.46
N GLU A 61 10.78 -0.61 -20.56
CA GLU A 61 11.06 0.25 -19.42
C GLU A 61 9.96 0.20 -18.37
N SER A 62 8.85 -0.49 -18.63
CA SER A 62 7.81 -0.63 -17.63
C SER A 62 7.99 -1.87 -16.77
N SER A 63 9.06 -2.64 -16.95
CA SER A 63 9.23 -3.85 -16.15
C SER A 63 9.69 -3.49 -14.74
N ILE A 64 9.78 -4.50 -13.89
CA ILE A 64 10.11 -4.27 -12.49
C ILE A 64 11.60 -3.95 -12.33
N GLU A 65 12.45 -4.71 -13.02
CA GLU A 65 13.90 -4.50 -12.91
C GLU A 65 14.39 -3.24 -13.60
N ASN A 66 13.53 -2.48 -14.27
CA ASN A 66 13.90 -1.16 -14.75
C ASN A 66 13.21 -0.07 -13.95
N PHE A 67 12.25 -0.43 -13.11
CA PHE A 67 11.52 0.53 -12.30
C PHE A 67 12.14 0.70 -10.92
N LEU A 68 12.78 -0.34 -10.39
CA LEU A 68 13.28 -0.30 -9.04
C LEU A 68 14.80 -0.19 -8.93
N CYS A 69 15.56 -0.74 -9.87
CA CYS A 69 17.02 -0.77 -9.77
C CYS A 69 17.61 0.59 -10.14
N ARG A 70 17.37 1.57 -9.28
CA ARG A 70 17.95 2.90 -9.38
C ARG A 70 18.30 3.38 -7.99
N SER A 71 19.43 4.05 -7.87
CA SER A 71 19.97 4.40 -6.56
C SER A 71 19.26 5.61 -5.97
N ALA A 72 19.05 5.57 -4.66
CA ALA A 72 18.38 6.67 -3.97
C ALA A 72 18.94 6.79 -2.57
N CYS A 73 18.98 8.02 -2.07
CA CYS A 73 19.51 8.27 -0.74
C CYS A 73 18.52 7.79 0.32
N VAL A 74 19.07 7.26 1.42
CA VAL A 74 18.21 6.72 2.47
C VAL A 74 18.39 7.52 3.75
N TYR A 75 19.60 8.02 4.00
CA TYR A 75 19.89 8.68 5.27
C TYR A 75 21.20 9.42 5.14
N TYR A 76 21.38 10.45 5.96
CA TYR A 76 22.70 11.05 6.10
C TYR A 76 22.86 11.59 7.51
N ALA A 77 24.00 11.28 8.12
CA ALA A 77 24.32 11.71 9.47
C ALA A 77 25.68 12.37 9.48
N THR A 78 25.85 13.33 10.38
CA THR A 78 27.12 14.03 10.54
C THR A 78 27.73 13.65 11.88
N TYR A 79 29.06 13.73 11.94
CA TYR A 79 29.78 13.38 13.16
C TYR A 79 31.07 14.18 13.21
N THR A 80 31.37 14.72 14.39
CA THR A 80 32.51 15.60 14.57
C THR A 80 33.71 14.76 15.02
N ASN A 81 34.86 15.04 14.42
CA ASN A 81 36.10 14.39 14.82
C ASN A 81 36.49 14.76 16.24
N ASN A 82 36.50 16.05 16.55
CA ASN A 82 36.87 16.52 17.89
C ASN A 82 35.61 16.51 18.75
N SER A 83 35.28 15.31 19.24
CA SER A 83 34.21 15.14 20.21
C SER A 83 34.42 13.82 20.92
N LYS A 84 33.75 13.69 22.05
CA LYS A 84 33.49 12.38 22.62
C LYS A 84 32.13 11.90 22.11
N LYS A 85 31.99 10.58 22.00
CA LYS A 85 30.96 9.87 21.23
C LYS A 85 30.65 10.56 19.90
N GLY A 86 31.70 10.84 19.14
CA GLY A 86 31.56 11.35 17.80
C GLY A 86 31.63 10.25 16.76
N PHE A 87 30.46 9.77 16.34
CA PHE A 87 30.26 8.62 15.47
C PHE A 87 28.77 8.52 15.22
N ALA A 88 28.41 7.79 14.17
CA ALA A 88 27.03 7.75 13.71
C ALA A 88 26.53 6.32 13.66
N GLU A 89 25.43 6.05 14.33
CA GLU A 89 24.74 4.78 14.26
C GLU A 89 23.43 4.96 13.53
N TRP A 90 23.03 3.94 12.79
CA TRP A 90 21.79 4.02 12.01
C TRP A 90 21.29 2.62 11.74
N VAL A 91 20.12 2.29 12.28
CA VAL A 91 19.49 1.01 11.95
C VAL A 91 18.96 1.06 10.52
N ILE A 92 19.23 0.02 9.75
CA ILE A 92 18.92 0.03 8.32
C ILE A 92 17.43 -0.19 8.13
N ASN A 93 16.75 0.80 7.55
CA ASN A 93 15.35 0.66 7.17
C ASN A 93 15.03 1.66 6.08
N THR A 94 14.10 1.31 5.22
CA THR A 94 13.72 2.14 4.10
C THR A 94 12.75 3.24 4.46
N ARG A 95 12.22 3.24 5.66
CA ARG A 95 11.00 3.99 5.95
C ARG A 95 11.22 5.47 6.15
N GLN A 96 12.45 5.96 6.13
CA GLN A 96 12.68 7.34 6.54
C GLN A 96 12.60 8.35 5.42
N VAL A 97 13.08 8.04 4.22
CA VAL A 97 12.88 8.95 3.09
C VAL A 97 11.49 8.70 2.54
N ALA A 98 11.02 9.59 1.67
CA ALA A 98 9.68 9.49 1.15
C ALA A 98 9.60 9.27 -0.35
N GLN A 99 10.62 9.67 -1.11
CA GLN A 99 10.63 9.42 -2.54
C GLN A 99 10.87 7.95 -2.87
N LEU A 100 11.54 7.22 -1.99
CA LEU A 100 11.77 5.80 -2.18
C LEU A 100 10.68 4.96 -1.54
N ARG A 101 10.15 5.41 -0.40
CA ARG A 101 9.17 4.62 0.36
C ARG A 101 7.89 4.42 -0.43
N ARG A 102 7.44 5.47 -1.13
CA ARG A 102 6.22 5.36 -1.93
C ARG A 102 6.39 4.38 -3.09
N LYS A 103 7.61 4.24 -3.60
CA LYS A 103 7.86 3.25 -4.64
C LYS A 103 7.82 1.84 -4.10
N LEU A 104 8.12 1.65 -2.83
CA LEU A 104 8.10 0.29 -2.28
C LEU A 104 6.71 -0.17 -1.91
N GLU A 105 5.83 0.73 -1.46
CA GLU A 105 4.52 0.30 -1.02
C GLU A 105 3.55 0.08 -2.17
N LEU A 106 3.99 0.12 -3.42
CA LEU A 106 3.15 -0.32 -4.50
C LEU A 106 2.92 -1.82 -4.45
N PHE A 107 3.86 -2.58 -3.90
CA PHE A 107 3.76 -4.02 -3.81
C PHE A 107 3.74 -4.42 -2.34
N THR A 108 3.15 -5.57 -2.06
CA THR A 108 3.04 -6.00 -0.67
C THR A 108 4.23 -6.80 -0.21
N TYR A 109 4.69 -7.75 -1.00
CA TYR A 109 5.82 -8.60 -0.63
C TYR A 109 6.93 -8.43 -1.65
N LEU A 110 8.10 -8.01 -1.20
CA LEU A 110 9.24 -7.80 -2.06
C LEU A 110 10.35 -8.78 -1.69
N ARG A 111 11.29 -8.94 -2.62
CA ARG A 111 12.43 -9.81 -2.40
C ARG A 111 13.57 -9.32 -3.27
N PHE A 112 14.67 -8.90 -2.65
CA PHE A 112 15.77 -8.30 -3.39
C PHE A 112 17.04 -8.40 -2.58
N ASP A 113 18.17 -8.35 -3.29
CA ASP A 113 19.45 -8.10 -2.65
C ASP A 113 19.72 -6.60 -2.65
N LEU A 114 20.94 -6.19 -2.34
CA LEU A 114 21.14 -4.77 -2.11
C LEU A 114 22.58 -4.40 -2.43
N GLU A 115 22.77 -3.20 -2.97
CA GLU A 115 24.11 -2.68 -3.28
C GLU A 115 24.30 -1.35 -2.56
N LEU A 116 24.82 -1.41 -1.36
CA LEU A 116 25.02 -0.23 -0.55
C LEU A 116 26.16 0.61 -1.10
N THR A 117 25.97 1.92 -1.20
CA THR A 117 27.02 2.81 -1.67
C THR A 117 27.02 4.09 -0.85
N PHE A 118 28.20 4.54 -0.43
CA PHE A 118 28.33 5.69 0.45
C PHE A 118 29.08 6.81 -0.25
N VAL A 119 28.63 8.03 -0.05
CA VAL A 119 29.29 9.23 -0.57
C VAL A 119 29.66 10.09 0.63
N ILE A 120 30.95 10.15 0.93
CA ILE A 120 31.45 10.77 2.16
C ILE A 120 32.16 12.07 1.83
N THR A 121 31.72 13.15 2.45
CA THR A 121 32.33 14.45 2.27
C THR A 121 32.72 15.02 3.63
N SER A 122 33.64 15.97 3.61
CA SER A 122 34.19 16.54 4.84
C SER A 122 34.18 18.05 4.75
N ALA A 123 34.28 18.69 5.92
CA ALA A 123 34.29 20.14 6.00
C ALA A 123 35.01 20.54 7.28
N GLN A 124 35.73 21.66 7.20
CA GLN A 124 36.48 22.16 8.34
C GLN A 124 35.59 23.01 9.23
N GLN A 125 35.71 22.80 10.52
CA GLN A 125 35.02 23.58 11.54
C GLN A 125 35.85 24.80 11.91
N PRO A 126 35.22 25.86 12.45
CA PRO A 126 35.99 27.06 12.80
C PRO A 126 36.91 26.87 13.97
N SER A 127 38.08 26.30 13.70
CA SER A 127 39.08 26.05 14.73
C SER A 127 39.77 27.35 15.13
N THR A 128 40.62 27.25 16.17
CA THR A 128 41.35 28.39 16.69
C THR A 128 42.85 28.31 16.45
N ALA A 129 43.39 27.12 16.20
CA ALA A 129 44.83 26.94 16.11
C ALA A 129 45.37 27.55 14.83
N SER A 130 46.68 27.81 14.83
CA SER A 130 47.35 28.56 13.77
C SER A 130 48.03 27.64 12.80
N SER A 131 47.90 27.97 11.51
CA SER A 131 48.50 27.25 10.36
C SER A 131 48.15 25.76 10.39
N VAL A 132 46.87 25.48 10.27
CA VAL A 132 46.40 24.10 10.33
C VAL A 132 46.67 23.42 8.99
N ASP A 133 47.01 22.14 9.06
CA ASP A 133 47.18 21.31 7.88
C ASP A 133 47.00 19.86 8.27
N ALA A 134 46.13 19.16 7.55
CA ALA A 134 45.89 17.77 7.85
C ALA A 134 46.10 16.93 6.60
N PRO A 135 46.63 15.73 6.74
CA PRO A 135 46.69 14.81 5.60
C PRO A 135 45.32 14.23 5.26
N VAL A 136 45.28 13.28 4.33
CA VAL A 136 44.00 12.72 3.91
C VAL A 136 43.42 11.87 5.04
N GLN A 137 42.10 11.91 5.16
CA GLN A 137 41.44 11.26 6.27
C GLN A 137 41.12 9.82 5.92
N THR A 138 40.65 9.09 6.92
CA THR A 138 40.25 7.70 6.73
C THR A 138 38.94 7.49 7.46
N HIS A 139 37.99 6.84 6.80
CA HIS A 139 36.71 6.53 7.41
C HIS A 139 36.55 5.02 7.49
N GLN A 140 35.80 4.57 8.49
CA GLN A 140 35.53 3.16 8.66
C GLN A 140 34.03 2.98 8.83
N ILE A 141 33.43 2.16 7.99
CA ILE A 141 31.99 1.94 8.00
C ILE A 141 31.76 0.49 8.41
N MET A 142 31.36 0.29 9.66
CA MET A 142 31.19 -1.05 10.21
C MET A 142 29.74 -1.46 10.10
N TYR A 143 29.51 -2.70 9.68
CA TYR A 143 28.16 -3.23 9.51
C TYR A 143 27.95 -4.33 10.54
N VAL A 144 26.94 -4.16 11.37
CA VAL A 144 26.69 -5.06 12.50
C VAL A 144 25.40 -5.83 12.22
N PRO A 145 25.43 -7.14 12.13
CA PRO A 145 24.19 -7.91 11.99
C PRO A 145 23.37 -7.85 13.27
N PRO A 146 22.05 -8.13 13.21
CA PRO A 146 21.21 -7.91 14.39
C PRO A 146 21.49 -8.88 15.52
N GLY A 147 22.16 -8.38 16.55
CA GLY A 147 22.46 -9.18 17.71
C GLY A 147 23.88 -9.01 18.21
N GLY A 148 24.77 -8.51 17.36
CA GLY A 148 26.17 -8.41 17.68
C GLY A 148 26.45 -7.34 18.71
N PRO A 149 27.64 -7.37 19.32
CA PRO A 149 28.00 -6.32 20.28
C PRO A 149 28.32 -5.02 19.57
N VAL A 150 27.76 -3.92 20.08
CA VAL A 150 27.90 -2.63 19.43
C VAL A 150 28.84 -1.76 20.25
N PRO A 151 29.56 -0.82 19.64
CA PRO A 151 30.47 0.03 20.40
C PRO A 151 29.75 1.23 21.00
N THR A 152 30.33 1.77 22.06
CA THR A 152 29.76 2.89 22.78
C THR A 152 30.55 4.17 22.57
N LYS A 153 31.84 4.17 22.84
CA LYS A 153 32.70 5.30 22.59
C LYS A 153 33.53 5.04 21.34
N VAL A 154 34.17 6.09 20.84
CA VAL A 154 34.93 5.96 19.60
C VAL A 154 36.27 5.28 19.84
N LYS A 155 36.97 5.62 20.91
CA LYS A 155 38.25 5.01 21.24
C LYS A 155 37.95 3.74 22.02
N ASP A 156 37.77 2.64 21.30
CA ASP A 156 37.41 1.37 21.92
C ASP A 156 37.99 0.23 21.09
N TYR A 157 38.17 -0.91 21.73
CA TYR A 157 38.74 -2.07 21.06
C TYR A 157 37.71 -2.93 20.37
N ALA A 158 36.42 -2.64 20.55
CA ALA A 158 35.39 -3.39 19.84
C ALA A 158 35.27 -2.99 18.38
N TRP A 159 35.87 -1.86 17.99
CA TRP A 159 35.84 -1.45 16.59
C TRP A 159 36.74 -2.34 15.73
N GLN A 160 37.99 -2.48 16.13
CA GLN A 160 38.92 -3.28 15.34
C GLN A 160 38.69 -4.77 15.52
N THR A 161 38.82 -5.26 16.74
CA THR A 161 38.89 -6.70 17.01
C THR A 161 37.50 -7.33 16.87
N SER A 162 37.05 -7.44 15.64
CA SER A 162 35.74 -8.02 15.37
C SER A 162 35.73 -8.57 13.95
N THR A 163 34.87 -9.57 13.75
CA THR A 163 34.71 -10.20 12.45
C THR A 163 33.47 -9.70 11.72
N ASN A 164 32.93 -8.57 12.12
CA ASN A 164 31.84 -7.96 11.37
C ASN A 164 32.40 -7.33 10.10
N PRO A 165 31.70 -7.44 8.97
CA PRO A 165 32.28 -6.95 7.72
C PRO A 165 32.26 -5.44 7.61
N SER A 166 33.41 -4.82 7.76
CA SER A 166 33.55 -3.37 7.68
C SER A 166 34.29 -3.00 6.41
N VAL A 167 34.30 -1.72 6.09
CA VAL A 167 35.00 -1.24 4.90
C VAL A 167 35.81 0.01 5.27
N PHE A 168 37.04 0.08 4.78
CA PHE A 168 37.95 1.17 5.10
C PHE A 168 38.13 2.03 3.86
N TRP A 169 38.00 3.34 4.04
CA TRP A 169 38.02 4.22 2.89
C TRP A 169 38.79 5.49 3.21
N THR A 170 39.58 5.95 2.25
CA THR A 170 40.30 7.20 2.35
C THR A 170 39.80 8.14 1.27
N GLU A 171 40.00 9.44 1.49
CA GLU A 171 39.37 10.42 0.62
C GLU A 171 40.09 10.53 -0.72
N GLY A 172 39.41 11.14 -1.67
CA GLY A 172 39.99 11.38 -2.98
C GLY A 172 39.96 10.21 -3.91
N ASN A 173 39.11 9.22 -3.66
CA ASN A 173 39.05 8.04 -4.51
C ASN A 173 37.60 7.80 -4.91
N ALA A 174 37.35 6.67 -5.55
CA ALA A 174 36.00 6.30 -5.90
C ALA A 174 35.22 5.93 -4.64
N PRO A 175 33.89 6.13 -4.65
CA PRO A 175 33.11 5.86 -3.45
C PRO A 175 33.03 4.36 -3.17
N PRO A 176 32.98 3.96 -1.91
CA PRO A 176 32.98 2.54 -1.58
C PRO A 176 31.63 1.91 -1.83
N ARG A 177 31.64 0.59 -2.05
CA ARG A 177 30.42 -0.12 -2.41
C ARG A 177 30.54 -1.56 -1.97
N MET A 178 29.57 -2.03 -1.19
CA MET A 178 29.47 -3.44 -0.83
C MET A 178 28.08 -3.94 -1.19
N SER A 179 27.97 -5.25 -1.33
CA SER A 179 26.72 -5.87 -1.74
C SER A 179 26.21 -6.78 -0.65
N ILE A 180 24.90 -6.76 -0.44
CA ILE A 180 24.27 -7.52 0.64
C ILE A 180 23.18 -8.40 0.06
N PRO A 181 23.23 -9.71 0.27
CA PRO A 181 22.17 -10.58 -0.27
C PRO A 181 20.89 -10.52 0.54
N PHE A 182 19.94 -11.38 0.19
CA PHE A 182 18.62 -11.37 0.80
C PHE A 182 18.69 -11.96 2.21
N ILE A 183 18.76 -11.10 3.22
CA ILE A 183 18.88 -11.52 4.61
C ILE A 183 17.52 -11.40 5.29
N SER A 184 16.76 -12.47 5.30
CA SER A 184 15.47 -12.45 5.98
C SER A 184 15.14 -13.86 6.43
N ILE A 185 14.19 -13.95 7.35
CA ILE A 185 13.78 -15.22 7.93
C ILE A 185 12.61 -15.82 7.18
N GLY A 186 11.73 -14.99 6.63
CA GLY A 186 10.60 -15.50 5.90
C GLY A 186 10.96 -15.88 4.48
N ASN A 187 10.07 -15.59 3.54
CA ASN A 187 10.38 -15.76 2.13
C ASN A 187 10.37 -14.45 1.36
N ALA A 188 9.91 -13.37 1.98
CA ALA A 188 9.84 -12.07 1.33
C ALA A 188 9.74 -11.00 2.39
N TYR A 189 10.25 -9.82 2.09
CA TYR A 189 10.10 -8.70 3.01
C TYR A 189 8.64 -8.28 3.05
N SER A 190 8.14 -8.04 4.25
CA SER A 190 6.76 -7.63 4.44
C SER A 190 6.74 -6.12 4.59
N CYS A 191 6.13 -5.44 3.62
CA CYS A 191 6.02 -3.99 3.71
C CYS A 191 4.97 -3.58 4.73
N PHE A 192 3.98 -4.43 4.97
CA PHE A 192 2.92 -4.14 5.92
C PHE A 192 2.64 -5.38 6.75
N TYR A 193 2.30 -5.16 8.02
CA TYR A 193 2.07 -6.27 8.93
C TYR A 193 0.89 -5.89 9.83
N ASP A 194 -0.31 -6.29 9.42
CA ASP A 194 -1.51 -6.01 10.21
C ASP A 194 -1.60 -7.03 11.32
N GLY A 195 -1.29 -6.62 12.53
CA GLY A 195 -1.38 -7.50 13.69
C GLY A 195 -0.16 -7.33 14.57
N TRP A 196 -0.35 -7.54 15.86
CA TRP A 196 0.66 -7.24 16.86
C TRP A 196 1.76 -8.28 16.83
N THR A 197 2.76 -8.11 17.70
CA THR A 197 3.87 -9.03 17.78
C THR A 197 3.89 -9.82 19.08
N GLN A 198 2.98 -9.54 19.99
CA GLN A 198 2.89 -10.24 21.26
C GLN A 198 1.56 -10.98 21.33
N PHE A 199 1.58 -12.20 21.87
CA PHE A 199 0.43 -13.08 21.80
C PHE A 199 -0.72 -12.65 22.70
N SER A 200 -0.48 -11.77 23.65
CA SER A 200 -1.56 -11.24 24.46
C SER A 200 -2.28 -10.08 23.78
N ARG A 201 -1.81 -9.68 22.60
CA ARG A 201 -2.37 -8.58 21.80
C ARG A 201 -2.37 -7.26 22.59
N ASN A 202 -1.24 -6.95 23.18
CA ASN A 202 -1.00 -5.66 23.80
C ASN A 202 0.20 -5.01 23.15
N GLY A 203 0.29 -3.69 23.29
CA GLY A 203 1.48 -3.01 22.84
C GLY A 203 1.37 -2.45 21.44
N VAL A 204 2.52 -2.30 20.78
CA VAL A 204 2.59 -1.62 19.50
C VAL A 204 1.97 -2.49 18.40
N TYR A 205 1.59 -1.83 17.31
CA TYR A 205 0.69 -2.43 16.34
C TYR A 205 1.40 -3.08 15.16
N GLY A 206 2.16 -2.32 14.39
CA GLY A 206 2.65 -2.86 13.13
C GLY A 206 4.13 -3.16 13.10
N ILE A 207 4.65 -3.73 14.17
CA ILE A 207 6.09 -3.95 14.31
C ILE A 207 6.39 -5.41 14.02
N ASN A 208 7.18 -5.64 12.98
CA ASN A 208 7.53 -6.96 12.51
C ASN A 208 9.00 -7.23 12.75
N THR A 209 9.35 -8.51 12.82
CA THR A 209 10.74 -8.91 12.95
C THR A 209 11.07 -9.77 11.74
N LEU A 210 10.69 -9.30 10.56
CA LEU A 210 10.93 -10.02 9.32
C LEU A 210 11.81 -9.25 8.34
N ASN A 211 12.06 -7.97 8.58
CA ASN A 211 12.89 -7.17 7.71
C ASN A 211 13.90 -6.36 8.52
N ASN A 212 14.56 -7.03 9.46
CA ASN A 212 15.68 -6.44 10.17
C ASN A 212 16.96 -6.78 9.43
N MET A 213 17.75 -5.77 9.10
CA MET A 213 18.99 -6.01 8.37
C MET A 213 20.24 -5.65 9.17
N GLY A 214 20.13 -4.88 10.23
CA GLY A 214 21.26 -4.53 11.05
C GLY A 214 21.52 -3.03 11.04
N THR A 215 22.58 -2.65 11.73
CA THR A 215 22.95 -1.25 11.89
C THR A 215 24.23 -0.94 11.13
N LEU A 216 24.55 0.34 11.06
CA LEU A 216 25.77 0.80 10.40
C LEU A 216 26.47 1.79 11.30
N TYR A 217 27.71 1.49 11.66
CA TYR A 217 28.50 2.34 12.54
C TYR A 217 29.63 2.95 11.74
N MET A 218 29.71 4.28 11.73
CA MET A 218 30.70 5.02 10.95
C MET A 218 31.47 5.98 11.84
N ARG A 219 32.78 6.09 11.61
CA ARG A 219 33.64 6.93 12.43
C ARG A 219 34.92 7.23 11.67
N HIS A 220 35.65 8.22 12.17
CA HIS A 220 36.98 8.52 11.66
C HIS A 220 37.98 7.49 12.16
N VAL A 221 39.17 7.49 11.55
CA VAL A 221 40.23 6.59 12.01
C VAL A 221 41.39 7.41 12.55
N ASN A 222 41.55 8.63 12.02
CA ASN A 222 42.62 9.50 12.47
C ASN A 222 42.29 10.11 13.83
N GLU A 223 43.21 10.92 14.33
CA GLU A 223 43.04 11.57 15.61
C GLU A 223 42.97 13.08 15.42
N ALA A 224 42.60 13.78 16.48
CA ALA A 224 42.44 15.22 16.42
C ALA A 224 43.79 15.91 16.36
N GLY A 225 44.24 16.25 15.16
CA GLY A 225 45.54 16.88 15.02
C GLY A 225 45.58 18.31 15.53
N GLN A 226 44.94 19.24 14.80
CA GLN A 226 44.87 20.62 15.24
C GLN A 226 43.51 21.26 15.08
N GLY A 227 42.64 20.75 14.21
CA GLY A 227 41.38 21.40 13.93
C GLY A 227 40.26 20.40 13.72
N PRO A 228 39.09 20.68 14.29
CA PRO A 228 37.96 19.75 14.17
C PRO A 228 37.43 19.69 12.74
N ILE A 229 37.10 18.48 12.31
CA ILE A 229 36.57 18.22 10.98
C ILE A 229 35.20 17.57 11.16
N LYS A 230 34.19 18.15 10.54
CA LYS A 230 32.83 17.62 10.60
C LYS A 230 32.52 16.97 9.27
N SER A 231 32.34 15.66 9.28
CA SER A 231 32.06 14.95 8.04
C SER A 231 30.58 14.71 7.86
N THR A 232 30.22 14.13 6.72
CA THR A 232 28.83 13.89 6.36
C THR A 232 28.80 12.78 5.35
N VAL A 233 27.99 11.75 5.59
CA VAL A 233 27.99 10.56 4.77
C VAL A 233 26.56 10.22 4.37
N ARG A 234 26.31 10.09 3.08
CA ARG A 234 25.02 9.66 2.55
C ARG A 234 25.09 8.19 2.23
N ILE A 235 23.95 7.52 2.33
CA ILE A 235 23.85 6.08 2.07
C ILE A 235 22.88 5.88 0.92
N TYR A 236 23.25 5.01 -0.02
CA TYR A 236 22.46 4.82 -1.23
C TYR A 236 22.12 3.35 -1.41
N PHE A 237 20.82 3.04 -1.53
CA PHE A 237 20.39 1.70 -1.85
C PHE A 237 20.47 1.45 -3.35
N LYS A 238 20.34 0.18 -3.73
CA LYS A 238 20.11 -0.24 -5.10
C LYS A 238 19.57 -1.67 -5.12
N PRO A 239 18.26 -1.86 -5.10
CA PRO A 239 17.73 -3.23 -5.11
C PRO A 239 17.90 -3.87 -6.48
N LYS A 240 18.43 -5.09 -6.50
CA LYS A 240 18.54 -5.87 -7.73
C LYS A 240 17.86 -7.22 -7.57
N HIS A 241 17.69 -7.89 -8.71
CA HIS A 241 17.09 -9.22 -8.81
C HIS A 241 15.69 -9.28 -8.19
N VAL A 242 14.96 -8.19 -8.32
CA VAL A 242 13.78 -7.95 -7.49
C VAL A 242 12.61 -8.74 -8.03
N LYS A 243 11.85 -9.37 -7.13
CA LYS A 243 10.60 -10.02 -7.44
C LYS A 243 9.52 -9.46 -6.53
N ALA A 244 8.44 -8.96 -7.11
CA ALA A 244 7.37 -8.34 -6.34
C ALA A 244 6.10 -9.17 -6.42
N TRP A 245 5.24 -8.99 -5.41
CA TRP A 245 4.03 -9.78 -5.30
C TRP A 245 2.92 -8.90 -4.74
N VAL A 246 1.69 -9.18 -5.19
CA VAL A 246 0.43 -8.63 -4.66
C VAL A 246 0.43 -7.11 -4.67
N PRO A 247 0.16 -6.46 -5.80
CA PRO A 247 0.23 -5.00 -5.86
C PRO A 247 -0.81 -4.33 -4.98
N ARG A 248 -0.67 -3.02 -4.83
CA ARG A 248 -1.32 -2.25 -3.80
C ARG A 248 -1.51 -0.82 -4.30
N PRO A 249 -2.60 -0.16 -3.95
CA PRO A 249 -2.83 1.19 -4.46
C PRO A 249 -1.85 2.17 -3.83
N PRO A 250 -1.47 3.23 -4.55
CA PRO A 250 -0.40 4.10 -4.08
C PRO A 250 -0.86 5.07 -3.00
N ARG A 251 0.09 5.43 -2.15
CA ARG A 251 -0.20 6.24 -0.98
C ARG A 251 -0.53 7.68 -1.37
N LEU A 252 -1.67 8.16 -0.90
CA LEU A 252 -2.20 9.47 -1.26
C LEU A 252 -1.88 10.54 -0.22
N CYS A 253 -2.14 10.26 1.06
CA CYS A 253 -1.89 11.24 2.10
C CYS A 253 -0.42 11.23 2.50
N GLN A 254 0.00 12.29 3.18
CA GLN A 254 1.39 12.48 3.55
C GLN A 254 1.79 11.53 4.69
N TYR A 255 3.04 11.10 4.65
CA TYR A 255 3.58 10.30 5.74
C TYR A 255 3.82 11.17 6.96
N GLU A 256 3.79 10.56 8.11
CA GLU A 256 4.10 11.34 9.30
C GLU A 256 5.09 10.66 10.23
N LYS A 257 5.12 9.33 10.27
CA LYS A 257 6.01 8.60 11.15
C LYS A 257 6.70 7.49 10.37
N GLN A 258 7.78 6.96 10.95
CA GLN A 258 8.54 5.95 10.22
C GLN A 258 8.03 4.54 10.54
N LYS A 259 7.46 4.32 11.72
CA LYS A 259 7.05 2.98 12.08
C LYS A 259 5.61 2.70 11.65
N ASN A 260 4.69 3.52 12.11
CA ASN A 260 3.27 3.30 11.83
C ASN A 260 2.91 3.88 10.47
N VAL A 261 1.62 3.88 10.14
CA VAL A 261 1.12 4.35 8.86
C VAL A 261 0.15 5.52 9.02
N ASN A 262 0.16 6.16 10.19
CA ASN A 262 -0.84 7.17 10.54
C ASN A 262 -0.74 8.39 9.64
N PHE A 263 -1.82 9.16 9.62
CA PHE A 263 -1.97 10.24 8.66
C PHE A 263 -3.04 11.20 9.13
N SER A 264 -3.19 12.28 8.40
CA SER A 264 -4.27 13.24 8.52
C SER A 264 -5.11 13.20 7.25
N PRO A 265 -6.43 13.36 7.36
CA PRO A 265 -7.28 13.21 6.17
C PRO A 265 -7.19 14.42 5.26
N ILE A 266 -7.31 14.16 3.96
CA ILE A 266 -7.37 15.21 2.96
C ILE A 266 -8.21 14.68 1.80
N GLY A 267 -8.67 15.58 0.95
CA GLY A 267 -9.57 15.23 -0.14
C GLY A 267 -8.90 14.37 -1.20
N VAL A 268 -9.72 13.96 -2.17
CA VAL A 268 -9.24 13.01 -3.18
C VAL A 268 -8.30 13.70 -4.16
N THR A 269 -8.69 14.88 -4.65
CA THR A 269 -7.84 15.62 -5.56
C THR A 269 -8.16 17.10 -5.44
N THR A 270 -7.38 17.92 -6.15
CA THR A 270 -7.65 19.34 -6.19
C THR A 270 -8.88 19.60 -7.05
N SER A 271 -9.62 20.64 -6.69
CA SER A 271 -10.94 20.83 -7.26
C SER A 271 -10.90 21.71 -8.50
N ARG A 272 -12.00 21.70 -9.23
CA ARG A 272 -12.24 22.63 -10.34
C ARG A 272 -13.53 23.39 -10.07
N THR A 273 -13.86 24.30 -10.99
CA THR A 273 -14.92 25.27 -10.70
C THR A 273 -16.31 24.68 -10.93
N ASP A 274 -16.46 23.87 -11.97
CA ASP A 274 -17.76 23.35 -12.35
C ASP A 274 -17.52 22.06 -13.13
N ILE A 275 -18.52 21.18 -13.13
CA ILE A 275 -18.37 19.82 -13.65
C ILE A 275 -18.16 19.79 -15.16
N ILE A 276 -18.46 20.86 -15.89
CA ILE A 276 -18.23 20.91 -17.33
C ILE A 276 -17.07 21.81 -17.72
N THR A 277 -16.38 22.40 -16.75
CA THR A 277 -15.28 23.30 -17.07
C THR A 277 -14.05 22.53 -17.50
N THR A 278 -13.57 22.84 -18.69
CA THR A 278 -12.41 22.18 -19.25
C THR A 278 -11.15 23.00 -19.03
N SER B 10 -28.66 -21.87 -17.88
CA SER B 10 -28.45 -20.45 -18.12
C SER B 10 -27.11 -19.99 -17.56
N ASP B 11 -27.04 -18.72 -17.16
CA ASP B 11 -25.79 -18.12 -16.73
C ASP B 11 -25.96 -17.25 -15.50
N ARG B 12 -27.14 -17.24 -14.88
CA ARG B 12 -27.40 -16.37 -13.76
C ARG B 12 -27.44 -17.10 -12.41
N VAL B 13 -27.79 -18.38 -12.41
CA VAL B 13 -27.94 -19.15 -11.17
C VAL B 13 -26.63 -19.85 -10.84
N ARG B 14 -26.29 -19.89 -9.56
CA ARG B 14 -25.19 -20.70 -9.07
C ARG B 14 -25.67 -21.47 -7.85
N SER B 15 -24.95 -22.52 -7.50
CA SER B 15 -25.28 -23.29 -6.30
C SER B 15 -23.97 -23.86 -5.75
N ILE B 16 -23.36 -23.14 -4.82
CA ILE B 16 -22.12 -23.56 -4.21
C ILE B 16 -22.43 -24.28 -2.91
N THR B 17 -21.92 -25.50 -2.77
CA THR B 17 -22.12 -26.26 -1.55
C THR B 17 -20.76 -26.64 -0.95
N LEU B 18 -20.77 -26.89 0.36
CA LEU B 18 -19.55 -27.15 1.10
C LEU B 18 -19.93 -27.82 2.41
N GLY B 19 -19.44 -29.03 2.64
CA GLY B 19 -19.68 -29.71 3.89
C GLY B 19 -21.11 -30.14 4.07
N ASN B 20 -21.82 -29.52 5.00
CA ASN B 20 -23.23 -29.80 5.23
C ASN B 20 -24.09 -28.56 5.05
N SER B 21 -23.62 -27.58 4.29
CA SER B 21 -24.37 -26.38 4.02
C SER B 21 -24.41 -26.16 2.52
N THR B 22 -25.28 -25.25 2.08
CA THR B 22 -25.47 -24.99 0.67
C THR B 22 -26.00 -23.58 0.49
N ILE B 23 -25.28 -22.78 -0.29
CA ILE B 23 -25.67 -21.41 -0.61
C ILE B 23 -26.15 -21.39 -2.05
N THR B 24 -27.41 -21.01 -2.25
CA THR B 24 -27.99 -20.92 -3.57
C THR B 24 -28.42 -19.49 -3.84
N THR B 25 -28.31 -19.07 -5.11
CA THR B 25 -28.69 -17.74 -5.53
C THR B 25 -29.37 -17.80 -6.89
N GLN B 26 -30.53 -17.14 -6.99
CA GLN B 26 -31.23 -17.06 -8.26
C GLN B 26 -30.64 -15.99 -9.17
N GLU B 27 -30.34 -14.82 -8.64
CA GLU B 27 -29.79 -13.72 -9.42
C GLU B 27 -28.43 -13.35 -8.86
N CYS B 28 -27.37 -13.70 -9.59
CA CYS B 28 -26.03 -13.31 -9.19
C CYS B 28 -25.12 -13.34 -10.41
N ALA B 29 -24.03 -12.60 -10.32
CA ALA B 29 -23.08 -12.53 -11.41
C ALA B 29 -22.08 -13.68 -11.28
N ASN B 30 -21.00 -13.62 -12.05
CA ASN B 30 -20.00 -14.66 -12.01
C ASN B 30 -19.19 -14.56 -10.72
N VAL B 31 -18.44 -15.60 -10.42
CA VAL B 31 -17.60 -15.64 -9.22
C VAL B 31 -16.19 -15.23 -9.61
N VAL B 32 -15.51 -14.50 -8.73
CA VAL B 32 -14.16 -14.02 -8.97
C VAL B 32 -13.22 -14.76 -8.03
N VAL B 33 -12.13 -15.32 -8.58
CA VAL B 33 -11.31 -16.22 -7.79
C VAL B 33 -9.87 -15.73 -7.64
N GLY B 34 -9.63 -15.00 -6.55
CA GLY B 34 -8.30 -14.72 -6.06
C GLY B 34 -7.47 -13.90 -7.02
N TYR B 35 -6.22 -14.31 -7.17
CA TYR B 35 -5.34 -13.78 -8.19
C TYR B 35 -5.13 -14.79 -9.30
N GLY B 36 -6.11 -15.66 -9.49
CA GLY B 36 -6.05 -16.66 -10.53
C GLY B 36 -5.73 -18.06 -10.08
N VAL B 37 -5.57 -18.30 -8.78
CA VAL B 37 -5.28 -19.62 -8.24
C VAL B 37 -6.43 -20.04 -7.35
N TRP B 38 -6.53 -21.34 -7.12
CA TRP B 38 -7.54 -21.99 -6.29
C TRP B 38 -6.89 -22.48 -5.00
N PRO B 39 -7.57 -22.38 -3.86
CA PRO B 39 -6.94 -22.77 -2.59
C PRO B 39 -6.76 -24.26 -2.45
N GLU B 40 -5.52 -24.73 -2.56
CA GLU B 40 -5.19 -26.14 -2.42
C GLU B 40 -4.39 -26.34 -1.14
N TYR B 41 -4.08 -27.60 -0.86
CA TYR B 41 -3.36 -27.93 0.36
C TYR B 41 -1.89 -27.55 0.24
N LEU B 42 -1.18 -27.63 1.35
CA LEU B 42 0.22 -27.28 1.39
C LEU B 42 1.05 -28.41 0.79
N LYS B 43 1.74 -28.12 -0.31
CA LYS B 43 2.60 -29.11 -0.93
C LYS B 43 3.83 -29.36 -0.06
N ASP B 44 4.49 -30.50 -0.31
CA ASP B 44 5.59 -30.91 0.55
C ASP B 44 6.87 -30.13 0.25
N ASN B 45 6.95 -29.43 -0.87
CA ASN B 45 8.14 -28.64 -1.15
C ASN B 45 8.15 -27.35 -0.36
N GLU B 46 6.98 -26.84 0.00
CA GLU B 46 6.85 -25.54 0.63
C GLU B 46 6.82 -25.60 2.14
N ALA B 47 6.62 -26.78 2.72
CA ALA B 47 6.38 -26.88 4.16
C ALA B 47 7.67 -26.68 4.93
N THR B 48 7.52 -26.22 6.17
CA THR B 48 8.65 -26.06 7.07
C THR B 48 8.46 -26.68 8.43
N ALA B 49 7.23 -26.98 8.85
CA ALA B 49 7.00 -27.59 10.14
C ALA B 49 7.47 -29.05 10.11
N GLU B 50 7.84 -29.55 11.27
CA GLU B 50 8.43 -30.88 11.36
C GLU B 50 7.46 -31.99 11.75
N ASP B 51 6.20 -31.67 12.02
CA ASP B 51 5.24 -32.72 12.37
C ASP B 51 4.17 -32.88 11.28
N GLN B 52 3.17 -33.74 11.57
CA GLN B 52 2.11 -34.02 10.60
C GLN B 52 0.89 -33.15 10.88
N PRO B 53 0.32 -32.50 9.88
CA PRO B 53 -0.85 -31.65 10.12
C PRO B 53 -2.13 -32.45 10.27
N THR B 54 -3.15 -31.77 10.79
CA THR B 54 -4.48 -32.32 10.89
C THR B 54 -5.41 -31.58 9.94
N GLN B 55 -6.33 -32.33 9.33
CA GLN B 55 -7.25 -31.77 8.34
C GLN B 55 -8.66 -32.24 8.70
N PRO B 56 -9.45 -31.40 9.37
CA PRO B 56 -10.81 -31.80 9.74
C PRO B 56 -11.72 -31.94 8.53
N ASP B 57 -11.74 -30.89 7.69
CA ASP B 57 -12.18 -30.88 6.30
C ASP B 57 -13.69 -30.99 6.13
N VAL B 58 -14.43 -31.35 7.18
CA VAL B 58 -15.89 -31.32 7.10
C VAL B 58 -16.37 -30.51 8.30
N ALA B 59 -15.58 -30.51 9.36
CA ALA B 59 -15.96 -29.79 10.57
C ALA B 59 -15.69 -28.30 10.47
N THR B 60 -14.83 -27.88 9.55
CA THR B 60 -14.55 -26.47 9.34
C THR B 60 -15.13 -25.92 8.05
N CYS B 61 -15.06 -26.69 6.96
CA CYS B 61 -15.46 -26.21 5.64
C CYS B 61 -16.98 -26.17 5.53
N ARG B 62 -17.57 -25.13 6.11
CA ARG B 62 -18.99 -24.88 5.95
C ARG B 62 -19.22 -23.38 6.11
N PHE B 63 -20.41 -22.93 5.73
CA PHE B 63 -20.67 -21.51 5.62
C PHE B 63 -21.14 -20.97 6.96
N TYR B 64 -20.25 -20.32 7.69
CA TYR B 64 -20.64 -19.59 8.88
C TYR B 64 -21.25 -18.26 8.49
N THR B 65 -22.14 -17.75 9.32
CA THR B 65 -22.90 -16.54 9.02
C THR B 65 -22.68 -15.51 10.11
N LEU B 66 -22.18 -14.35 9.74
CA LEU B 66 -21.90 -13.29 10.69
C LEU B 66 -23.18 -12.51 10.98
N GLU B 67 -23.07 -11.45 11.78
CA GLU B 67 -24.22 -10.62 12.06
C GLU B 67 -24.54 -9.73 10.86
N SER B 68 -25.71 -9.12 10.90
CA SER B 68 -26.19 -8.29 9.82
C SER B 68 -26.14 -6.82 10.20
N VAL B 69 -26.08 -5.96 9.19
CA VAL B 69 -26.01 -4.52 9.39
C VAL B 69 -27.11 -3.86 8.58
N GLN B 70 -27.63 -2.75 9.10
CA GLN B 70 -28.71 -2.03 8.46
C GLN B 70 -28.12 -0.97 7.53
N TRP B 71 -28.51 -1.00 6.27
CA TRP B 71 -28.05 -0.04 5.28
C TRP B 71 -28.99 1.17 5.33
N MET B 72 -28.62 2.18 6.10
CA MET B 72 -29.41 3.41 6.15
C MET B 72 -29.08 4.29 4.96
N LYS B 73 -29.70 5.47 4.89
CA LYS B 73 -29.38 6.40 3.83
C LYS B 73 -28.05 7.10 4.07
N ASN B 74 -27.78 7.47 5.33
CA ASN B 74 -26.50 8.08 5.68
C ASN B 74 -25.53 7.04 6.24
N SER B 75 -25.26 6.03 5.43
CA SER B 75 -24.30 5.01 5.81
C SER B 75 -22.92 5.34 5.27
N ALA B 76 -21.90 4.72 5.84
CA ALA B 76 -20.54 5.01 5.44
C ALA B 76 -19.80 3.80 4.92
N GLY B 77 -19.84 2.69 5.63
CA GLY B 77 -19.08 1.52 5.25
C GLY B 77 -18.82 0.64 6.46
N TRP B 78 -18.36 -0.58 6.19
CA TRP B 78 -18.07 -1.54 7.24
C TRP B 78 -16.83 -2.34 6.88
N TRP B 79 -16.19 -2.94 7.88
CA TRP B 79 -15.06 -3.83 7.61
C TRP B 79 -15.03 -4.94 8.64
N TRP B 80 -14.53 -6.10 8.23
CA TRP B 80 -14.28 -7.22 9.12
C TRP B 80 -12.83 -7.68 8.95
N LYS B 81 -12.22 -8.10 10.05
CA LYS B 81 -10.91 -8.74 9.99
C LYS B 81 -11.13 -10.24 9.92
N LEU B 82 -10.56 -10.88 8.92
CA LEU B 82 -11.15 -12.15 8.50
C LEU B 82 -10.82 -13.38 9.34
N PRO B 83 -9.55 -13.66 9.75
CA PRO B 83 -9.40 -14.77 10.71
C PRO B 83 -9.54 -14.31 12.16
N ASP B 84 -10.51 -13.44 12.41
CA ASP B 84 -10.90 -13.04 13.75
C ASP B 84 -12.41 -13.05 13.95
N ALA B 85 -13.21 -12.86 12.91
CA ALA B 85 -14.64 -12.96 13.05
C ALA B 85 -15.09 -14.39 13.26
N LEU B 86 -14.29 -15.37 12.83
CA LEU B 86 -14.61 -16.77 13.00
C LEU B 86 -13.97 -17.38 14.23
N SER B 87 -13.77 -16.58 15.27
CA SER B 87 -13.12 -17.09 16.48
C SER B 87 -14.08 -17.85 17.37
N GLN B 88 -15.38 -17.62 17.25
CA GLN B 88 -16.37 -18.27 18.11
C GLN B 88 -17.32 -19.18 17.33
N MET B 89 -17.03 -19.46 16.06
CA MET B 89 -17.97 -20.15 15.19
C MET B 89 -17.62 -21.62 15.11
N GLY B 90 -17.97 -22.35 16.18
CA GLY B 90 -17.94 -23.80 16.13
C GLY B 90 -16.57 -24.44 16.13
N LEU B 91 -16.39 -25.48 15.33
CA LEU B 91 -15.15 -26.24 15.36
C LEU B 91 -13.99 -25.52 14.70
N PHE B 92 -14.25 -24.46 13.95
CA PHE B 92 -13.14 -23.64 13.48
C PHE B 92 -12.58 -22.81 14.62
N GLY B 93 -13.43 -22.30 15.50
CA GLY B 93 -12.96 -21.48 16.59
C GLY B 93 -12.30 -22.27 17.69
N GLN B 94 -12.52 -23.58 17.74
CA GLN B 94 -11.89 -24.41 18.75
C GLN B 94 -10.59 -25.03 18.26
N ASN B 95 -10.48 -25.31 16.97
CA ASN B 95 -9.20 -25.76 16.44
C ASN B 95 -8.22 -24.61 16.30
N MET B 96 -8.70 -23.37 16.31
CA MET B 96 -7.82 -22.22 16.22
C MET B 96 -7.16 -21.90 17.55
N GLN B 97 -7.71 -22.40 18.66
CA GLN B 97 -7.18 -22.04 19.96
C GLN B 97 -6.20 -23.08 20.47
N TYR B 98 -6.49 -24.36 20.27
CA TYR B 98 -5.62 -25.40 20.79
C TYR B 98 -4.36 -25.58 19.95
N HIS B 99 -4.37 -25.16 18.71
CA HIS B 99 -3.20 -25.32 17.86
C HIS B 99 -2.33 -24.08 17.95
N TYR B 100 -1.35 -24.01 17.09
CA TYR B 100 -0.44 -22.86 17.06
C TYR B 100 -0.32 -22.27 15.66
N LEU B 101 -0.36 -23.08 14.62
CA LEU B 101 -0.24 -22.62 13.26
C LEU B 101 -1.58 -22.73 12.56
N GLY B 102 -1.58 -22.49 11.25
CA GLY B 102 -2.76 -22.75 10.46
C GLY B 102 -2.92 -21.87 9.24
N ARG B 103 -3.21 -22.47 8.10
CA ARG B 103 -3.48 -21.73 6.88
C ARG B 103 -4.89 -22.01 6.43
N THR B 104 -5.47 -21.04 5.72
CA THR B 104 -6.87 -21.12 5.30
C THR B 104 -7.01 -20.54 3.89
N GLY B 105 -8.16 -20.82 3.31
CA GLY B 105 -8.60 -20.11 2.13
C GLY B 105 -10.09 -19.90 2.22
N TYR B 106 -10.52 -18.66 1.97
CA TYR B 106 -11.90 -18.30 2.26
C TYR B 106 -12.76 -18.34 1.01
N THR B 107 -14.07 -18.36 1.22
CA THR B 107 -15.04 -18.23 0.13
C THR B 107 -16.09 -17.24 0.61
N ILE B 108 -15.83 -15.96 0.39
CA ILE B 108 -16.67 -14.91 0.92
C ILE B 108 -17.92 -14.78 0.07
N HIS B 109 -19.05 -14.54 0.71
CA HIS B 109 -20.32 -14.40 0.01
C HIS B 109 -21.13 -13.36 0.76
N VAL B 110 -21.59 -12.33 0.05
CA VAL B 110 -22.34 -11.24 0.66
C VAL B 110 -23.59 -11.01 -0.18
N GLN B 111 -24.73 -10.83 0.49
CA GLN B 111 -26.03 -10.82 -0.16
C GLN B 111 -26.89 -9.72 0.42
N CYS B 112 -27.56 -8.98 -0.46
CA CYS B 112 -28.38 -7.85 -0.06
C CYS B 112 -29.44 -7.65 -1.11
N ASN B 113 -30.71 -7.80 -0.74
CA ASN B 113 -31.80 -7.79 -1.71
C ASN B 113 -32.69 -6.59 -1.52
N ALA B 114 -33.04 -5.97 -2.63
CA ALA B 114 -34.05 -4.93 -2.67
C ALA B 114 -34.93 -5.19 -3.88
N SER B 115 -36.00 -4.41 -4.00
CA SER B 115 -36.95 -4.63 -5.08
C SER B 115 -36.44 -4.00 -6.36
N LYS B 116 -37.31 -3.90 -7.35
CA LYS B 116 -37.02 -3.18 -8.58
C LYS B 116 -37.23 -1.68 -8.45
N PHE B 117 -37.38 -1.17 -7.24
CA PHE B 117 -37.67 0.24 -7.02
C PHE B 117 -36.64 0.94 -6.18
N HIS B 118 -35.74 0.23 -5.51
CA HIS B 118 -34.65 0.83 -4.80
C HIS B 118 -33.45 1.03 -5.72
N GLN B 119 -32.61 1.99 -5.39
CA GLN B 119 -31.39 2.23 -6.15
C GLN B 119 -30.23 2.37 -5.19
N GLY B 120 -29.05 2.01 -5.67
CA GLY B 120 -27.86 2.00 -4.85
C GLY B 120 -26.84 1.04 -5.40
N CYS B 121 -25.64 1.12 -4.84
CA CYS B 121 -24.53 0.33 -5.33
C CYS B 121 -23.49 0.15 -4.23
N LEU B 122 -23.07 -1.09 -4.00
CA LEU B 122 -22.04 -1.41 -3.04
C LEU B 122 -20.75 -1.79 -3.75
N LEU B 123 -19.65 -1.76 -3.01
CA LEU B 123 -18.37 -2.25 -3.49
C LEU B 123 -17.85 -3.24 -2.47
N VAL B 124 -17.61 -4.47 -2.89
CA VAL B 124 -17.17 -5.53 -2.01
C VAL B 124 -15.75 -5.89 -2.39
N VAL B 125 -14.80 -5.62 -1.50
CA VAL B 125 -13.39 -5.85 -1.78
C VAL B 125 -12.80 -6.62 -0.62
N CYS B 126 -11.72 -7.35 -0.88
CA CYS B 126 -11.07 -8.17 0.14
C CYS B 126 -9.59 -7.79 0.18
N VAL B 127 -9.22 -6.93 1.12
CA VAL B 127 -7.90 -6.31 1.15
C VAL B 127 -6.92 -7.13 1.98
N PRO B 128 -5.82 -7.61 1.41
CA PRO B 128 -4.79 -8.25 2.23
C PRO B 128 -3.86 -7.25 2.88
N GLU B 129 -3.57 -7.50 4.17
CA GLU B 129 -2.67 -6.70 5.01
C GLU B 129 -3.13 -5.25 5.11
N ALA B 130 -4.31 -5.07 5.65
CA ALA B 130 -4.88 -3.73 5.76
C ALA B 130 -4.48 -3.14 7.11
N GLU B 131 -3.40 -2.37 7.11
CA GLU B 131 -3.03 -1.61 8.29
C GLU B 131 -3.86 -0.34 8.35
N MET B 132 -4.48 -0.07 9.48
CA MET B 132 -5.32 1.11 9.61
C MET B 132 -4.62 2.18 10.44
N GLY B 133 -5.09 3.41 10.30
CA GLY B 133 -4.45 4.55 10.94
C GLY B 133 -5.18 4.98 12.20
N CYS B 134 -4.41 5.45 13.17
CA CYS B 134 -4.97 5.86 14.44
C CYS B 134 -5.48 7.30 14.35
N SER B 135 -6.19 7.72 15.40
CA SER B 135 -6.67 9.10 15.45
C SER B 135 -5.52 10.04 15.74
N ASN B 136 -4.85 9.86 16.86
CA ASN B 136 -3.66 10.64 17.14
C ASN B 136 -2.48 10.10 16.33
N LEU B 137 -1.62 11.02 15.90
CA LEU B 137 -0.58 10.65 14.94
C LEU B 137 0.55 9.85 15.55
N ASN B 138 0.65 9.81 16.88
CA ASN B 138 1.75 9.12 17.52
C ASN B 138 1.33 7.81 18.20
N ASN B 139 0.05 7.60 18.42
CA ASN B 139 -0.44 6.38 19.04
C ASN B 139 -0.80 5.34 17.98
N THR B 140 -1.22 4.18 18.45
CA THR B 140 -1.67 3.07 17.63
C THR B 140 -2.99 2.56 18.16
N PRO B 141 -3.89 2.11 17.28
CA PRO B 141 -5.21 1.68 17.74
C PRO B 141 -5.14 0.37 18.52
N GLU B 142 -6.02 0.24 19.50
CA GLU B 142 -6.04 -0.94 20.34
C GLU B 142 -6.84 -2.05 19.67
N PHE B 143 -6.93 -3.19 20.35
CA PHE B 143 -7.59 -4.35 19.77
C PHE B 143 -9.10 -4.22 19.82
N SER B 144 -9.64 -3.66 20.89
CA SER B 144 -11.09 -3.60 21.05
C SER B 144 -11.74 -2.62 20.11
N GLU B 145 -11.00 -1.66 19.56
CA GLU B 145 -11.54 -0.68 18.64
C GLU B 145 -11.13 -0.92 17.20
N LEU B 146 -10.46 -2.02 16.92
CA LEU B 146 -10.03 -2.34 15.57
C LEU B 146 -10.85 -3.43 14.93
N SER B 147 -11.32 -4.39 15.71
CA SER B 147 -12.15 -5.45 15.18
C SER B 147 -13.12 -5.89 16.27
N GLY B 148 -14.13 -6.63 15.86
CA GLY B 148 -15.07 -7.20 16.80
C GLY B 148 -15.38 -8.63 16.42
N GLY B 149 -15.65 -9.44 17.43
CA GLY B 149 -16.10 -10.78 17.20
C GLY B 149 -17.47 -10.78 16.55
N ASP B 150 -17.51 -11.15 15.27
CA ASP B 150 -18.67 -11.26 14.38
C ASP B 150 -19.53 -9.99 14.32
N SER B 151 -18.98 -8.84 14.68
CA SER B 151 -19.70 -7.58 14.65
C SER B 151 -18.93 -6.60 13.77
N ALA B 152 -19.64 -5.96 12.85
CA ALA B 152 -19.00 -5.07 11.90
C ALA B 152 -18.62 -3.77 12.57
N ARG B 153 -17.37 -3.35 12.40
CA ARG B 153 -16.99 -2.01 12.76
C ARG B 153 -17.28 -1.10 11.58
N MET B 154 -17.76 0.10 11.85
CA MET B 154 -18.31 0.96 10.82
C MET B 154 -17.46 2.20 10.63
N PHE B 155 -17.39 2.66 9.38
CA PHE B 155 -16.74 3.91 9.03
C PHE B 155 -17.62 5.09 9.43
N THR B 156 -17.13 6.29 9.17
CA THR B 156 -17.92 7.50 9.29
C THR B 156 -17.74 8.33 8.04
N ASP B 157 -18.50 9.42 7.96
CA ASP B 157 -18.32 10.40 6.90
C ASP B 157 -17.64 11.67 7.39
N THR B 158 -17.14 11.67 8.62
CA THR B 158 -16.55 12.84 9.22
C THR B 158 -15.22 12.46 9.86
N GLN B 159 -14.26 13.36 9.79
CA GLN B 159 -12.93 13.12 10.33
C GLN B 159 -12.97 13.03 11.85
N VAL B 160 -12.34 11.99 12.40
CA VAL B 160 -12.35 11.76 13.84
C VAL B 160 -11.49 12.81 14.53
N GLY B 161 -12.01 13.38 15.61
CA GLY B 161 -11.33 14.44 16.32
C GLY B 161 -10.07 13.98 17.03
N GLU B 162 -9.29 14.98 17.46
CA GLU B 162 -7.98 14.74 18.03
C GLU B 162 -8.01 14.40 19.51
N SER B 163 -9.14 14.60 20.18
CA SER B 163 -9.22 14.36 21.62
C SER B 163 -9.22 12.89 21.99
N ASN B 164 -9.45 12.00 21.02
CA ASN B 164 -9.42 10.57 21.30
C ASN B 164 -7.98 10.08 21.38
N ALA B 165 -7.76 9.08 22.23
CA ALA B 165 -6.42 8.57 22.46
C ALA B 165 -6.07 7.47 21.46
N LYS B 166 -6.83 6.38 21.48
CA LYS B 166 -6.59 5.22 20.61
C LYS B 166 -7.90 4.87 19.91
N LYS B 167 -8.15 5.52 18.77
CA LYS B 167 -9.31 5.23 17.95
C LYS B 167 -8.87 5.24 16.50
N VAL B 168 -9.56 4.45 15.69
CA VAL B 168 -9.19 4.31 14.29
C VAL B 168 -9.70 5.53 13.53
N GLN B 169 -8.89 6.05 12.62
CA GLN B 169 -9.33 7.11 11.73
C GLN B 169 -10.32 6.53 10.74
N THR B 170 -11.57 6.96 10.83
CA THR B 170 -12.66 6.38 10.05
C THR B 170 -13.17 7.35 8.98
N ALA B 171 -12.26 8.04 8.29
CA ALA B 171 -12.63 8.84 7.14
C ALA B 171 -12.77 7.94 5.93
N VAL B 172 -13.94 7.95 5.31
CA VAL B 172 -14.25 6.92 4.33
C VAL B 172 -13.58 7.20 2.99
N TRP B 173 -13.33 8.46 2.64
CA TRP B 173 -12.68 8.75 1.38
C TRP B 173 -11.19 8.42 1.39
N ASN B 174 -10.61 8.18 2.56
CA ASN B 174 -9.25 7.68 2.67
C ASN B 174 -9.20 6.20 3.00
N ALA B 175 -10.36 5.57 3.22
CA ALA B 175 -10.53 4.14 3.49
C ALA B 175 -9.75 3.67 4.71
N GLY B 176 -9.44 4.56 5.65
CA GLY B 176 -8.72 4.20 6.85
C GLY B 176 -7.23 4.02 6.69
N MET B 177 -6.73 3.70 5.50
CA MET B 177 -5.34 3.37 5.29
C MET B 177 -4.56 4.49 4.62
N GLY B 178 -5.14 5.68 4.51
CA GLY B 178 -4.43 6.78 3.90
C GLY B 178 -4.32 6.69 2.39
N VAL B 179 -5.15 5.90 1.76
CA VAL B 179 -5.07 5.67 0.33
C VAL B 179 -6.37 6.15 -0.31
N GLY B 180 -6.31 6.55 -1.58
CA GLY B 180 -7.50 6.97 -2.29
C GLY B 180 -8.48 5.82 -2.47
N VAL B 181 -9.76 6.07 -2.19
CA VAL B 181 -10.72 4.98 -2.21
C VAL B 181 -11.10 4.60 -3.63
N GLY B 182 -10.82 5.46 -4.60
CA GLY B 182 -11.12 5.11 -5.98
C GLY B 182 -10.20 4.06 -6.55
N ASN B 183 -9.01 3.92 -6.00
CA ASN B 183 -8.03 2.97 -6.50
C ASN B 183 -8.13 1.62 -5.82
N LEU B 184 -9.20 1.37 -5.07
CA LEU B 184 -9.30 0.14 -4.29
C LEU B 184 -9.67 -1.07 -5.13
N THR B 185 -9.92 -0.91 -6.42
CA THR B 185 -10.40 -2.01 -7.23
C THR B 185 -9.28 -2.88 -7.77
N ILE B 186 -8.03 -2.59 -7.43
CA ILE B 186 -6.93 -3.44 -7.90
C ILE B 186 -6.92 -4.76 -7.15
N PHE B 187 -7.43 -4.78 -5.93
CA PHE B 187 -7.64 -6.01 -5.19
C PHE B 187 -8.77 -6.81 -5.82
N PRO B 188 -8.87 -8.11 -5.54
CA PRO B 188 -10.02 -8.88 -6.01
C PRO B 188 -11.31 -8.37 -5.39
N HIS B 189 -12.30 -8.13 -6.24
CA HIS B 189 -13.45 -7.36 -5.83
C HIS B 189 -14.62 -7.66 -6.73
N GLN B 190 -15.80 -7.25 -6.29
CA GLN B 190 -17.02 -7.30 -7.09
C GLN B 190 -17.91 -6.17 -6.68
N TRP B 191 -18.92 -5.90 -7.49
CA TRP B 191 -19.86 -4.82 -7.22
C TRP B 191 -21.23 -5.42 -6.93
N ILE B 192 -21.87 -4.94 -5.88
CA ILE B 192 -23.28 -5.20 -5.67
C ILE B 192 -24.04 -4.01 -6.22
N ASN B 193 -24.90 -4.25 -7.20
CA ASN B 193 -25.71 -3.20 -7.78
C ASN B 193 -27.14 -3.71 -7.82
N LEU B 194 -28.04 -2.99 -7.15
CA LEU B 194 -29.41 -3.45 -6.98
C LEU B 194 -30.22 -3.44 -8.26
N ARG B 195 -29.72 -2.81 -9.32
CA ARG B 195 -30.40 -2.84 -10.59
C ARG B 195 -30.34 -4.22 -11.22
N THR B 196 -29.14 -4.80 -11.33
CA THR B 196 -28.97 -6.04 -12.06
C THR B 196 -28.39 -7.19 -11.23
N ASN B 197 -27.87 -6.92 -10.04
CA ASN B 197 -27.17 -7.93 -9.27
C ASN B 197 -27.80 -8.06 -7.89
N ASN B 198 -27.54 -9.19 -7.25
CA ASN B 198 -28.02 -9.39 -5.89
C ASN B 198 -26.99 -9.92 -4.91
N SER B 199 -26.02 -10.72 -5.36
CA SER B 199 -25.09 -11.37 -4.44
C SER B 199 -23.70 -11.39 -5.03
N ALA B 200 -22.71 -11.07 -4.21
CA ALA B 200 -21.31 -11.05 -4.62
C ALA B 200 -20.58 -12.20 -3.96
N THR B 201 -19.58 -12.74 -4.64
CA THR B 201 -18.87 -13.91 -4.15
C THR B 201 -17.42 -13.91 -4.61
N LEU B 202 -16.52 -14.11 -3.66
CA LEU B 202 -15.09 -14.13 -3.91
C LEU B 202 -14.49 -15.40 -3.32
N VAL B 203 -13.39 -15.84 -3.91
CA VAL B 203 -12.64 -17.00 -3.43
C VAL B 203 -11.21 -16.54 -3.22
N MET B 204 -10.74 -16.56 -1.99
CA MET B 204 -9.44 -15.98 -1.67
C MET B 204 -8.46 -17.04 -1.23
N PRO B 205 -7.34 -17.22 -1.91
CA PRO B 205 -6.34 -18.19 -1.50
C PRO B 205 -5.51 -17.64 -0.36
N TYR B 206 -4.59 -18.45 0.13
CA TYR B 206 -3.74 -18.08 1.25
C TYR B 206 -2.63 -17.17 0.76
N ILE B 207 -2.64 -15.92 1.22
CA ILE B 207 -1.68 -14.92 0.76
C ILE B 207 -0.88 -14.45 1.98
N ASN B 208 0.34 -14.95 2.12
CA ASN B 208 1.19 -14.57 3.24
C ASN B 208 2.63 -14.83 2.85
N SER B 209 3.54 -14.08 3.49
CA SER B 209 4.95 -14.18 3.18
C SER B 209 5.62 -15.39 3.80
N VAL B 210 4.93 -16.11 4.68
CA VAL B 210 5.46 -17.32 5.31
C VAL B 210 4.48 -18.44 4.99
N PRO B 211 4.92 -19.71 4.91
CA PRO B 211 4.00 -20.77 4.48
C PRO B 211 2.90 -21.10 5.47
N MET B 212 3.09 -20.79 6.74
CA MET B 212 2.05 -20.98 7.75
C MET B 212 2.17 -19.86 8.76
N ASP B 213 1.09 -19.59 9.49
CA ASP B 213 1.16 -18.49 10.44
C ASP B 213 0.24 -18.75 11.61
N ASN B 214 0.56 -18.10 12.72
CA ASN B 214 -0.35 -18.02 13.85
C ASN B 214 -1.58 -17.21 13.46
N MET B 215 -2.68 -17.47 14.15
CA MET B 215 -3.95 -16.89 13.76
C MET B 215 -4.53 -15.93 14.79
N PHE B 216 -3.96 -15.83 15.98
CA PHE B 216 -4.46 -14.91 16.98
C PHE B 216 -3.73 -13.58 16.98
N ARG B 217 -2.55 -13.51 16.38
CA ARG B 217 -1.73 -12.31 16.39
C ARG B 217 -1.72 -11.58 15.06
N HIS B 218 -2.30 -12.14 14.00
CA HIS B 218 -2.07 -11.63 12.66
C HIS B 218 -3.32 -11.89 11.82
N ASN B 219 -4.06 -10.84 11.50
CA ASN B 219 -5.23 -10.93 10.65
C ASN B 219 -4.82 -10.58 9.23
N ASN B 220 -4.66 -11.59 8.39
CA ASN B 220 -4.03 -11.40 7.10
C ASN B 220 -5.02 -11.16 5.96
N LEU B 221 -6.27 -10.83 6.28
CA LEU B 221 -7.23 -10.40 5.27
C LEU B 221 -8.17 -9.39 5.90
N THR B 222 -8.90 -8.67 5.05
CA THR B 222 -9.85 -7.68 5.52
C THR B 222 -10.91 -7.50 4.45
N LEU B 223 -12.15 -7.78 4.77
CA LEU B 223 -13.26 -7.62 3.84
C LEU B 223 -13.91 -6.27 4.08
N MET B 224 -13.78 -5.37 3.12
CA MET B 224 -14.37 -4.04 3.23
C MET B 224 -15.59 -3.95 2.32
N ILE B 225 -16.59 -3.22 2.79
CA ILE B 225 -17.81 -2.98 2.03
C ILE B 225 -18.09 -1.49 2.08
N ILE B 226 -18.10 -0.84 0.92
CA ILE B 226 -18.25 0.61 0.84
C ILE B 226 -19.35 0.97 -0.14
N PRO B 227 -20.40 1.67 0.28
CA PRO B 227 -21.46 2.09 -0.65
C PRO B 227 -21.07 3.37 -1.36
N PHE B 228 -20.88 3.29 -2.67
CA PHE B 228 -20.59 4.49 -3.44
C PHE B 228 -21.85 5.29 -3.72
N VAL B 229 -22.78 4.69 -4.45
CA VAL B 229 -24.07 5.34 -4.68
C VAL B 229 -24.95 5.00 -3.48
N PRO B 230 -25.42 5.96 -2.73
CA PRO B 230 -26.16 5.66 -1.50
C PRO B 230 -27.55 5.13 -1.81
N LEU B 231 -28.15 4.50 -0.81
CA LEU B 231 -29.49 3.96 -0.95
C LEU B 231 -30.51 5.09 -1.03
N ASN B 232 -31.46 4.95 -1.94
CA ASN B 232 -32.46 6.00 -2.12
C ASN B 232 -33.74 5.39 -2.66
N TYR B 233 -34.87 5.88 -2.16
CA TYR B 233 -36.18 5.42 -2.58
C TYR B 233 -37.20 6.51 -2.28
N SER B 234 -38.41 6.29 -2.74
CA SER B 234 -39.50 7.21 -2.41
C SER B 234 -40.23 6.71 -1.17
N GLU B 235 -41.18 7.50 -0.71
CA GLU B 235 -41.99 7.11 0.43
C GLU B 235 -42.99 6.05 -0.01
N GLY B 236 -43.14 5.01 0.82
CA GLY B 236 -44.01 3.90 0.52
C GLY B 236 -43.29 2.60 0.28
N SER B 237 -41.98 2.63 0.05
CA SER B 237 -41.21 1.42 -0.09
C SER B 237 -40.72 0.98 1.28
N SER B 238 -40.15 -0.22 1.35
CA SER B 238 -39.69 -0.75 2.62
C SER B 238 -38.40 -0.04 3.02
N PRO B 239 -38.32 0.50 4.24
CA PRO B 239 -37.16 1.31 4.62
C PRO B 239 -35.98 0.53 5.19
N TYR B 240 -36.16 -0.72 5.58
CA TYR B 240 -35.12 -1.49 6.27
C TYR B 240 -34.48 -2.45 5.29
N VAL B 241 -33.24 -2.19 4.91
CA VAL B 241 -32.52 -3.05 3.98
C VAL B 241 -31.29 -3.62 4.67
N PRO B 242 -31.25 -4.90 5.02
CA PRO B 242 -30.08 -5.47 5.68
C PRO B 242 -29.11 -6.13 4.72
N ILE B 243 -27.85 -6.14 5.12
CA ILE B 243 -26.77 -6.82 4.41
C ILE B 243 -26.30 -7.96 5.30
N THR B 244 -25.97 -9.10 4.70
CA THR B 244 -25.53 -10.24 5.47
C THR B 244 -24.43 -10.97 4.73
N VAL B 245 -23.31 -11.20 5.41
CA VAL B 245 -22.13 -11.80 4.81
C VAL B 245 -21.98 -13.23 5.36
N THR B 246 -21.58 -14.16 4.49
CA THR B 246 -21.32 -15.55 4.87
C THR B 246 -19.95 -15.96 4.36
N ILE B 247 -19.13 -16.53 5.24
CA ILE B 247 -17.75 -16.88 4.94
C ILE B 247 -17.58 -18.36 5.25
N ALA B 248 -16.85 -19.07 4.39
CA ALA B 248 -16.57 -20.49 4.59
C ALA B 248 -15.10 -20.75 4.35
N PRO B 249 -14.36 -21.28 5.32
CA PRO B 249 -12.96 -21.62 5.08
C PRO B 249 -12.83 -22.87 4.22
N MET B 250 -11.85 -22.85 3.32
CA MET B 250 -11.63 -23.96 2.40
C MET B 250 -10.22 -24.47 2.58
N CYS B 251 -10.09 -25.78 2.73
CA CYS B 251 -8.81 -26.50 2.77
C CYS B 251 -7.91 -25.97 3.89
N ALA B 252 -8.42 -26.05 5.10
CA ALA B 252 -7.69 -25.61 6.27
C ALA B 252 -6.90 -26.76 6.88
N GLU B 253 -5.81 -26.42 7.56
CA GLU B 253 -5.00 -27.42 8.26
C GLU B 253 -4.24 -26.72 9.37
N TYR B 254 -3.78 -27.50 10.35
CA TYR B 254 -3.19 -26.94 11.55
C TYR B 254 -1.95 -27.72 11.95
N ASN B 255 -1.22 -27.19 12.95
CA ASN B 255 -0.05 -27.83 13.51
C ASN B 255 0.17 -27.37 14.94
N GLY B 256 0.97 -28.12 15.68
CA GLY B 256 1.45 -27.65 16.96
C GLY B 256 0.42 -27.58 18.08
N LEU B 257 0.02 -28.73 18.62
CA LEU B 257 -0.87 -28.73 19.77
C LEU B 257 -0.22 -28.11 20.98
N ARG B 258 -1.04 -27.51 21.84
CA ARG B 258 -0.62 -26.92 23.10
C ARG B 258 -1.85 -26.84 24.00
N LEU B 259 -1.76 -26.07 25.07
CA LEU B 259 -2.92 -25.86 25.94
C LEU B 259 -3.82 -24.79 25.33
N ALA B 260 -4.82 -24.35 26.09
CA ALA B 260 -6.00 -23.70 25.51
C ALA B 260 -5.72 -22.26 25.06
N SER B 261 -5.32 -21.40 26.00
CA SER B 261 -5.28 -19.93 25.87
C SER B 261 -6.61 -19.37 25.40
N GLY C 1 52.28 -7.11 -15.77
CA GLY C 1 52.10 -5.69 -15.96
C GLY C 1 51.52 -5.36 -17.31
N LEU C 2 50.24 -5.67 -17.49
CA LEU C 2 49.54 -5.33 -18.72
C LEU C 2 49.38 -3.81 -18.81
N PRO C 3 49.65 -3.20 -19.95
CA PRO C 3 49.55 -1.73 -20.05
C PRO C 3 48.11 -1.32 -20.30
N VAL C 4 47.60 -0.44 -19.45
CA VAL C 4 46.24 0.07 -19.59
C VAL C 4 46.27 1.59 -19.58
N MET C 5 45.20 2.19 -20.09
CA MET C 5 45.01 3.63 -20.05
C MET C 5 43.57 3.89 -19.60
N THR C 6 43.42 4.75 -18.60
CA THR C 6 42.11 4.99 -17.99
C THR C 6 41.35 6.04 -18.77
N THR C 7 40.21 5.64 -19.33
CA THR C 7 39.34 6.53 -20.08
C THR C 7 38.70 7.55 -19.14
N PRO C 8 38.30 8.72 -19.66
CA PRO C 8 37.47 9.62 -18.86
C PRO C 8 36.14 8.98 -18.53
N GLY C 9 35.63 9.31 -17.35
CA GLY C 9 34.48 8.64 -16.81
C GLY C 9 34.81 7.64 -15.73
N SER C 10 36.05 7.60 -15.26
CA SER C 10 36.42 6.70 -14.18
C SER C 10 36.34 7.43 -12.85
N THR C 11 36.33 6.65 -11.77
CA THR C 11 36.21 7.10 -10.38
C THR C 11 35.00 8.01 -10.19
N GLN C 12 33.87 7.62 -10.76
CA GLN C 12 32.63 8.35 -10.62
C GLN C 12 31.55 7.41 -10.09
N PHE C 13 30.46 8.01 -9.63
CA PHE C 13 29.34 7.26 -9.07
C PHE C 13 28.10 7.69 -9.83
N LEU C 14 27.77 6.94 -10.87
CA LEU C 14 26.52 7.17 -11.58
C LEU C 14 25.41 6.44 -10.85
N THR C 15 24.28 7.10 -10.67
CA THR C 15 23.21 6.53 -9.86
C THR C 15 22.34 5.54 -10.61
N SER C 16 22.69 5.17 -11.84
CA SER C 16 21.95 4.17 -12.59
C SER C 16 22.91 3.23 -13.29
N ASP C 17 24.03 2.92 -12.64
CA ASP C 17 25.07 2.09 -13.22
C ASP C 17 24.68 0.62 -13.14
N ASP C 18 25.33 -0.19 -13.98
CA ASP C 18 25.16 -1.65 -13.97
C ASP C 18 26.55 -2.27 -13.85
N PHE C 19 27.00 -2.48 -12.63
CA PHE C 19 28.31 -3.05 -12.38
C PHE C 19 28.19 -4.14 -11.33
N GLN C 20 29.14 -5.07 -11.36
CA GLN C 20 29.21 -6.07 -10.32
C GLN C 20 29.82 -5.47 -9.06
N SER C 21 29.74 -6.22 -7.97
CA SER C 21 30.18 -5.70 -6.69
C SER C 21 30.58 -6.85 -5.80
N PRO C 22 31.61 -6.73 -4.98
CA PRO C 22 31.97 -7.82 -4.10
C PRO C 22 30.98 -7.95 -2.96
N SER C 23 30.64 -9.18 -2.61
CA SER C 23 29.68 -9.39 -1.55
C SER C 23 30.30 -9.13 -0.19
N ALA C 24 29.45 -8.90 0.80
CA ALA C 24 29.93 -8.69 2.16
C ALA C 24 29.99 -9.99 2.94
N MET C 25 28.92 -10.78 2.88
CA MET C 25 28.88 -12.08 3.54
C MET C 25 28.96 -13.18 2.49
N PRO C 26 30.12 -13.77 2.27
CA PRO C 26 30.24 -14.79 1.22
C PRO C 26 29.63 -16.11 1.66
N GLN C 27 29.26 -16.90 0.64
CA GLN C 27 28.64 -18.22 0.77
C GLN C 27 27.34 -18.18 1.56
N PHE C 28 26.61 -17.08 1.45
CA PHE C 28 25.30 -16.99 2.08
C PHE C 28 24.29 -17.79 1.27
N ASP C 29 23.45 -18.55 1.97
CA ASP C 29 22.40 -19.34 1.35
C ASP C 29 21.04 -18.75 1.70
N VAL C 30 20.36 -18.25 0.70
CA VAL C 30 19.09 -17.58 0.94
C VAL C 30 18.00 -18.60 1.24
N THR C 31 16.93 -18.13 1.85
CA THR C 31 15.77 -18.98 2.08
C THR C 31 15.05 -19.22 0.76
N PRO C 32 14.57 -20.44 0.52
CA PRO C 32 14.01 -20.77 -0.79
C PRO C 32 12.68 -20.07 -1.04
N GLU C 33 12.41 -19.84 -2.32
CA GLU C 33 11.25 -19.08 -2.74
C GLU C 33 9.96 -19.91 -2.58
N MET C 34 8.83 -19.23 -2.69
CA MET C 34 7.53 -19.83 -2.50
C MET C 34 6.58 -19.35 -3.59
N GLN C 35 5.60 -20.19 -3.92
CA GLN C 35 4.59 -19.86 -4.91
C GLN C 35 3.53 -18.96 -4.27
N ILE C 36 3.90 -17.71 -4.07
CA ILE C 36 2.96 -16.73 -3.55
C ILE C 36 2.01 -16.34 -4.68
N PRO C 37 0.70 -16.33 -4.46
CA PRO C 37 -0.22 -15.97 -5.54
C PRO C 37 -0.15 -14.49 -5.83
N GLY C 38 -0.36 -14.14 -7.09
CA GLY C 38 -0.40 -12.75 -7.49
C GLY C 38 0.96 -12.15 -7.71
N ARG C 39 1.72 -12.71 -8.65
CA ARG C 39 3.04 -12.19 -8.97
C ARG C 39 2.93 -11.17 -10.08
N VAL C 40 3.31 -9.95 -9.80
CA VAL C 40 3.36 -8.91 -10.81
C VAL C 40 4.71 -9.00 -11.53
N ASN C 41 4.65 -8.94 -12.85
CA ASN C 41 5.84 -9.08 -13.68
C ASN C 41 6.16 -7.84 -14.48
N ASN C 42 5.26 -6.86 -14.51
CA ASN C 42 5.37 -5.67 -15.34
C ASN C 42 4.37 -4.66 -14.82
N LEU C 43 4.71 -3.39 -14.93
CA LEU C 43 3.81 -2.36 -14.45
C LEU C 43 2.69 -2.03 -15.43
N MET C 44 2.66 -2.68 -16.59
CA MET C 44 1.51 -2.61 -17.47
C MET C 44 0.50 -3.70 -17.17
N GLU C 45 0.66 -4.41 -16.06
CA GLU C 45 -0.40 -5.24 -15.50
C GLU C 45 -1.12 -4.53 -14.38
N ILE C 46 -0.87 -3.23 -14.20
CA ILE C 46 -1.62 -2.44 -13.25
C ILE C 46 -2.51 -1.42 -13.94
N ALA C 47 -2.09 -0.87 -15.08
CA ALA C 47 -2.92 0.06 -15.82
C ALA C 47 -4.11 -0.61 -16.49
N GLU C 48 -4.14 -1.93 -16.58
CA GLU C 48 -5.29 -2.65 -17.12
C GLU C 48 -6.28 -3.05 -16.06
N VAL C 49 -6.31 -2.34 -14.93
CA VAL C 49 -7.34 -2.50 -13.93
C VAL C 49 -8.11 -1.19 -13.87
N ASP C 50 -9.43 -1.28 -13.81
CA ASP C 50 -10.24 -0.07 -13.75
C ASP C 50 -10.12 0.61 -12.39
N SER C 51 -10.49 1.88 -12.35
CA SER C 51 -10.53 2.64 -11.12
C SER C 51 -11.49 3.80 -11.32
N VAL C 52 -12.19 4.17 -10.25
CA VAL C 52 -13.26 5.14 -10.36
C VAL C 52 -12.68 6.53 -10.53
N VAL C 53 -13.26 7.30 -11.45
CA VAL C 53 -12.71 8.60 -11.84
C VAL C 53 -13.47 9.69 -11.09
N PRO C 54 -12.81 10.46 -10.22
CA PRO C 54 -13.51 11.50 -9.46
C PRO C 54 -13.84 12.74 -10.30
N VAL C 55 -14.95 12.65 -11.02
CA VAL C 55 -15.27 13.62 -12.07
C VAL C 55 -16.26 14.68 -11.57
N ASN C 56 -16.44 14.80 -10.27
CA ASN C 56 -17.44 15.72 -9.71
C ASN C 56 -16.86 16.51 -8.55
N ASN C 57 -15.70 17.13 -8.76
CA ASN C 57 -14.97 17.78 -7.67
C ASN C 57 -15.70 18.97 -7.05
N THR C 58 -15.82 20.06 -7.80
CA THR C 58 -16.59 21.27 -7.46
C THR C 58 -16.43 21.85 -6.06
N GLU C 59 -15.26 21.66 -5.43
CA GLU C 59 -14.80 22.33 -4.22
C GLU C 59 -15.59 21.98 -2.94
N ASP C 60 -16.71 21.27 -3.09
CA ASP C 60 -17.50 20.85 -1.96
C ASP C 60 -17.58 19.34 -1.83
N ASN C 61 -17.31 18.61 -2.90
CA ASN C 61 -17.39 17.16 -2.90
C ASN C 61 -16.03 16.49 -2.82
N VAL C 62 -14.95 17.26 -2.68
CA VAL C 62 -13.63 16.69 -2.74
C VAL C 62 -13.29 15.91 -1.47
N SER C 63 -13.77 16.38 -0.33
CA SER C 63 -13.60 15.65 0.93
C SER C 63 -14.81 14.80 1.25
N SER C 64 -15.26 13.98 0.31
CA SER C 64 -16.45 13.17 0.50
C SER C 64 -16.43 12.03 -0.51
N LEU C 65 -17.46 11.18 -0.45
CA LEU C 65 -17.69 10.19 -1.48
C LEU C 65 -18.55 10.71 -2.61
N LYS C 66 -18.95 11.99 -2.56
CA LYS C 66 -19.76 12.52 -3.63
C LYS C 66 -18.97 12.82 -4.88
N ALA C 67 -17.64 12.77 -4.82
CA ALA C 67 -16.82 13.13 -5.97
C ALA C 67 -16.86 12.08 -7.06
N TYR C 68 -17.31 10.87 -6.77
CA TYR C 68 -17.33 9.83 -7.78
C TYR C 68 -18.66 9.72 -8.50
N GLN C 69 -19.69 10.41 -8.04
CA GLN C 69 -21.03 10.28 -8.61
C GLN C 69 -21.30 11.41 -9.58
N ILE C 70 -21.93 11.09 -10.70
CA ILE C 70 -22.41 12.09 -11.65
C ILE C 70 -23.93 12.17 -11.51
N PRO C 71 -24.48 13.32 -11.11
CA PRO C 71 -25.92 13.41 -10.93
C PRO C 71 -26.63 13.46 -12.27
N VAL C 72 -27.55 12.53 -12.48
CA VAL C 72 -28.31 12.41 -13.71
C VAL C 72 -29.78 12.44 -13.32
N GLN C 73 -30.47 13.51 -13.70
CA GLN C 73 -31.85 13.70 -13.30
C GLN C 73 -32.75 13.79 -14.51
N SER C 74 -34.04 13.59 -14.28
CA SER C 74 -35.04 13.63 -15.35
C SER C 74 -35.24 15.08 -15.75
N ASN C 75 -34.53 15.50 -16.80
CA ASN C 75 -34.54 16.89 -17.19
C ASN C 75 -35.84 17.21 -17.93
N SER C 76 -36.13 18.51 -18.05
CA SER C 76 -37.34 18.95 -18.73
C SER C 76 -37.07 19.30 -20.19
N ASP C 77 -35.98 20.02 -20.46
CA ASP C 77 -35.56 20.34 -21.81
C ASP C 77 -34.54 19.32 -22.28
N ASN C 78 -34.32 19.26 -23.59
CA ASN C 78 -33.55 18.20 -24.20
C ASN C 78 -32.20 18.72 -24.68
N GLY C 79 -31.25 17.80 -24.80
CA GLY C 79 -29.93 18.12 -25.32
C GLY C 79 -29.04 18.88 -24.36
N LYS C 80 -28.93 18.42 -23.12
CA LYS C 80 -28.04 19.05 -22.15
C LYS C 80 -26.81 18.19 -21.91
N GLN C 81 -25.81 18.80 -21.28
CA GLN C 81 -24.52 18.15 -21.07
C GLN C 81 -24.47 17.52 -19.69
N VAL C 82 -23.78 16.40 -19.59
CA VAL C 82 -23.64 15.71 -18.31
C VAL C 82 -22.33 16.05 -17.63
N PHE C 83 -21.22 15.93 -18.34
CA PHE C 83 -19.92 16.37 -17.83
C PHE C 83 -19.02 16.71 -19.01
N GLY C 84 -17.74 16.87 -18.73
CA GLY C 84 -16.76 17.10 -19.77
C GLY C 84 -15.40 17.46 -19.18
N PHE C 85 -14.32 16.99 -19.79
CA PHE C 85 -12.98 17.28 -19.32
C PHE C 85 -12.01 17.03 -20.46
N PRO C 86 -10.87 17.70 -20.48
CA PRO C 86 -9.83 17.35 -21.44
C PRO C 86 -9.13 16.07 -21.04
N LEU C 87 -8.53 15.42 -22.04
CA LEU C 87 -7.92 14.11 -21.85
C LEU C 87 -6.41 14.29 -21.73
N GLN C 88 -5.96 14.68 -20.53
CA GLN C 88 -4.53 14.76 -20.22
C GLN C 88 -4.32 13.94 -18.96
N PRO C 89 -3.97 12.65 -19.11
CA PRO C 89 -3.97 11.73 -17.97
C PRO C 89 -2.81 11.90 -17.01
N GLY C 90 -2.05 12.98 -17.07
CA GLY C 90 -1.07 13.26 -16.05
C GLY C 90 -1.13 14.72 -15.65
N ALA C 91 -1.96 15.47 -16.33
CA ALA C 91 -1.98 16.92 -16.17
C ALA C 91 -3.30 17.46 -15.66
N ASN C 92 -4.41 16.88 -16.09
CA ASN C 92 -5.71 17.28 -15.57
C ASN C 92 -5.83 16.85 -14.13
N ASN C 93 -6.68 17.54 -13.38
CA ASN C 93 -6.89 17.22 -11.97
C ASN C 93 -8.14 16.37 -11.75
N VAL C 94 -8.56 15.62 -12.76
CA VAL C 94 -9.58 14.61 -12.59
C VAL C 94 -9.05 13.20 -12.85
N LEU C 95 -8.22 13.02 -13.88
CA LEU C 95 -7.54 11.76 -14.14
C LEU C 95 -6.16 11.71 -13.52
N ASN C 96 -5.92 12.55 -12.52
CA ASN C 96 -4.59 12.63 -11.92
C ASN C 96 -4.38 11.53 -10.90
N ARG C 97 -5.24 11.47 -9.90
CA ARG C 97 -5.01 10.61 -8.76
C ARG C 97 -5.62 9.23 -8.93
N THR C 98 -6.06 8.88 -10.14
CA THR C 98 -6.55 7.54 -10.39
C THR C 98 -5.39 6.56 -10.49
N LEU C 99 -5.73 5.29 -10.70
CA LEU C 99 -4.70 4.25 -10.71
C LEU C 99 -3.85 4.33 -11.96
N LEU C 100 -4.44 4.77 -13.07
CA LEU C 100 -3.66 5.01 -14.27
C LEU C 100 -2.80 6.25 -14.12
N GLY C 101 -3.35 7.30 -13.51
CA GLY C 101 -2.64 8.56 -13.40
C GLY C 101 -1.49 8.55 -12.41
N GLU C 102 -1.50 7.63 -11.45
CA GLU C 102 -0.36 7.49 -10.55
C GLU C 102 0.65 6.47 -11.04
N ILE C 103 0.47 5.95 -12.25
CA ILE C 103 1.56 5.25 -12.91
C ILE C 103 2.23 6.15 -13.94
N LEU C 104 1.41 6.95 -14.65
CA LEU C 104 1.96 7.86 -15.64
C LEU C 104 2.74 9.00 -15.01
N ASN C 105 2.54 9.29 -13.74
CA ASN C 105 3.35 10.29 -13.05
C ASN C 105 4.59 9.69 -12.44
N TYR C 106 5.04 8.54 -12.94
CA TYR C 106 6.41 8.09 -12.76
C TYR C 106 7.18 8.08 -14.06
N TYR C 107 6.51 8.13 -15.20
CA TYR C 107 7.13 8.14 -16.50
C TYR C 107 6.90 9.49 -17.17
N THR C 108 7.49 9.66 -18.34
CA THR C 108 7.39 10.93 -19.04
C THR C 108 6.59 10.84 -20.32
N HIS C 109 6.83 9.82 -21.15
CA HIS C 109 6.11 9.65 -22.39
C HIS C 109 5.11 8.51 -22.25
N TRP C 110 4.00 8.62 -22.97
CA TRP C 110 3.04 7.53 -23.01
C TRP C 110 2.48 7.42 -24.42
N SER C 111 1.75 6.33 -24.65
CA SER C 111 1.19 6.03 -25.96
C SER C 111 0.03 5.10 -25.77
N GLY C 112 -0.61 4.75 -26.87
CA GLY C 112 -1.69 3.77 -26.87
C GLY C 112 -3.03 4.41 -26.59
N SER C 113 -4.04 3.56 -26.50
CA SER C 113 -5.41 4.00 -26.32
C SER C 113 -5.90 3.77 -24.90
N ILE C 114 -7.05 4.35 -24.59
CA ILE C 114 -7.58 4.40 -23.24
C ILE C 114 -9.03 3.93 -23.27
N LYS C 115 -9.39 3.01 -22.37
CA LYS C 115 -10.78 2.61 -22.24
C LYS C 115 -11.45 3.41 -21.13
N LEU C 116 -12.75 3.69 -21.32
CA LEU C 116 -13.53 4.48 -20.37
C LEU C 116 -14.81 3.72 -20.06
N THR C 117 -14.77 2.85 -19.06
CA THR C 117 -15.94 2.07 -18.69
C THR C 117 -16.91 2.90 -17.89
N PHE C 118 -18.16 2.95 -18.33
CA PHE C 118 -19.22 3.62 -17.60
C PHE C 118 -20.13 2.59 -16.96
N MET C 119 -20.99 3.04 -16.06
CA MET C 119 -21.92 2.14 -15.39
C MET C 119 -23.09 2.93 -14.86
N PHE C 120 -24.30 2.51 -15.23
CA PHE C 120 -25.52 3.17 -14.78
C PHE C 120 -25.93 2.55 -13.45
N CYS C 121 -25.63 3.21 -12.36
CA CYS C 121 -26.01 2.74 -11.03
C CYS C 121 -27.29 3.42 -10.58
N GLY C 122 -28.35 3.21 -11.35
CA GLY C 122 -29.62 3.80 -11.04
C GLY C 122 -30.65 2.76 -10.67
N SER C 123 -31.93 3.06 -10.87
CA SER C 123 -32.99 2.12 -10.56
C SER C 123 -33.11 1.07 -11.67
N ALA C 124 -34.10 0.19 -11.52
CA ALA C 124 -34.29 -0.89 -12.47
C ALA C 124 -35.35 -0.60 -13.51
N MET C 125 -36.33 0.24 -13.18
CA MET C 125 -37.38 0.59 -14.12
C MET C 125 -37.13 1.91 -14.83
N ALA C 126 -35.99 2.54 -14.57
CA ALA C 126 -35.66 3.81 -15.22
C ALA C 126 -34.71 3.54 -16.37
N THR C 127 -35.08 4.01 -17.55
CA THR C 127 -34.29 3.83 -18.77
C THR C 127 -33.87 5.18 -19.32
N GLY C 128 -33.09 5.12 -20.39
CA GLY C 128 -32.60 6.33 -21.02
C GLY C 128 -31.48 6.01 -21.96
N LYS C 129 -31.03 7.03 -22.67
CA LYS C 129 -29.95 6.88 -23.63
C LYS C 129 -28.96 8.02 -23.45
N PHE C 130 -27.69 7.75 -23.72
CA PHE C 130 -26.63 8.74 -23.55
C PHE C 130 -25.73 8.72 -24.76
N LEU C 131 -25.02 9.82 -24.97
CA LEU C 131 -24.13 9.99 -26.11
C LEU C 131 -22.75 10.33 -25.58
N LEU C 132 -21.79 9.43 -25.80
CA LEU C 132 -20.47 9.54 -25.22
C LEU C 132 -19.49 9.99 -26.29
N ALA C 133 -19.21 11.28 -26.37
CA ALA C 133 -18.44 11.81 -27.48
C ALA C 133 -17.03 12.16 -27.08
N TYR C 134 -16.11 11.97 -28.03
CA TYR C 134 -14.70 12.33 -27.86
C TYR C 134 -14.28 13.14 -29.07
N SER C 135 -13.91 14.40 -28.85
CA SER C 135 -13.56 15.28 -29.95
C SER C 135 -12.07 15.51 -29.98
N PRO C 136 -11.41 15.25 -31.12
CA PRO C 136 -9.97 15.50 -31.21
C PRO C 136 -9.71 16.99 -31.23
N PRO C 137 -8.49 17.43 -30.84
CA PRO C 137 -8.25 18.87 -30.70
C PRO C 137 -8.12 19.59 -32.03
N GLY C 138 -7.81 20.89 -31.97
CA GLY C 138 -7.77 21.71 -33.15
C GLY C 138 -8.84 22.78 -33.10
N ALA C 139 -10.03 22.40 -32.66
CA ALA C 139 -11.08 23.35 -32.36
C ALA C 139 -11.16 23.50 -30.85
N GLY C 140 -12.15 24.23 -30.36
CA GLY C 140 -12.40 24.32 -28.94
C GLY C 140 -13.12 23.10 -28.42
N VAL C 141 -13.75 23.27 -27.27
CA VAL C 141 -14.63 22.23 -26.76
C VAL C 141 -15.93 22.30 -27.56
N PRO C 142 -16.62 21.19 -27.75
CA PRO C 142 -17.97 21.26 -28.33
C PRO C 142 -18.92 21.91 -27.34
N LYS C 143 -19.95 22.56 -27.88
CA LYS C 143 -20.88 23.31 -27.06
C LYS C 143 -22.33 22.91 -27.27
N ASN C 144 -22.69 22.35 -28.41
CA ASN C 144 -24.00 21.77 -28.64
C ASN C 144 -23.85 20.29 -28.92
N ARG C 145 -24.98 19.58 -28.87
CA ARG C 145 -24.98 18.18 -29.31
C ARG C 145 -24.74 18.10 -30.80
N LYS C 146 -25.16 19.12 -31.55
CA LYS C 146 -24.94 19.17 -33.00
C LYS C 146 -23.46 19.29 -33.33
N ASP C 147 -22.66 19.88 -32.45
CA ASP C 147 -21.23 19.99 -32.70
C ASP C 147 -20.47 18.79 -32.18
N ALA C 148 -21.00 18.08 -31.19
CA ALA C 148 -20.23 16.99 -30.59
C ALA C 148 -20.47 15.67 -31.29
N MET C 149 -21.56 15.52 -32.02
CA MET C 149 -21.83 14.27 -32.72
C MET C 149 -21.02 14.13 -33.99
N LEU C 150 -20.21 15.11 -34.35
CA LEU C 150 -19.34 14.99 -35.50
C LEU C 150 -18.07 14.21 -35.21
N GLY C 151 -17.69 14.09 -33.95
CA GLY C 151 -16.43 13.44 -33.62
C GLY C 151 -16.52 11.93 -33.62
N THR C 152 -15.97 11.30 -32.60
CA THR C 152 -16.12 9.87 -32.39
C THR C 152 -17.03 9.68 -31.20
N HIS C 153 -18.05 8.84 -31.34
CA HIS C 153 -19.05 8.72 -30.31
C HIS C 153 -19.74 7.37 -30.41
N VAL C 154 -20.20 6.88 -29.27
CA VAL C 154 -21.10 5.74 -29.23
C VAL C 154 -22.39 6.20 -28.57
N ILE C 155 -23.47 5.48 -28.86
CA ILE C 155 -24.77 5.78 -28.30
C ILE C 155 -25.15 4.63 -27.39
N TRP C 156 -25.29 4.93 -26.11
CA TRP C 156 -25.39 3.91 -25.07
C TRP C 156 -26.85 3.79 -24.65
N ASP C 157 -27.33 2.55 -24.57
CA ASP C 157 -28.65 2.25 -24.04
C ASP C 157 -28.48 1.43 -22.78
N VAL C 158 -29.34 1.68 -21.79
CA VAL C 158 -29.30 0.95 -20.53
C VAL C 158 -30.42 -0.08 -20.50
N GLY C 159 -30.06 -1.31 -20.15
CA GLY C 159 -31.00 -2.42 -20.13
C GLY C 159 -30.66 -3.40 -19.05
N LEU C 160 -30.57 -4.67 -19.41
CA LEU C 160 -30.04 -5.68 -18.49
C LEU C 160 -28.56 -5.41 -18.22
N GLN C 161 -27.75 -5.39 -19.28
CA GLN C 161 -26.37 -4.96 -19.14
C GLN C 161 -26.33 -3.48 -18.85
N SER C 162 -25.45 -3.07 -17.95
CA SER C 162 -25.41 -1.70 -17.48
C SER C 162 -24.00 -1.14 -17.57
N SER C 163 -23.33 -1.35 -18.70
CA SER C 163 -22.03 -0.76 -18.92
C SER C 163 -21.88 -0.44 -20.40
N CYS C 164 -20.92 0.43 -20.70
CA CYS C 164 -20.59 0.76 -22.08
C CYS C 164 -19.18 1.31 -22.10
N VAL C 165 -18.31 0.69 -22.87
CA VAL C 165 -16.89 1.06 -22.88
C VAL C 165 -16.61 1.87 -24.14
N LEU C 166 -16.62 3.19 -24.01
CA LEU C 166 -16.08 4.02 -25.06
C LEU C 166 -14.57 3.85 -25.09
N CYS C 167 -14.07 3.29 -26.17
CA CYS C 167 -12.64 3.12 -26.35
C CYS C 167 -12.16 4.25 -27.24
N VAL C 168 -11.52 5.26 -26.64
CA VAL C 168 -11.01 6.36 -27.45
C VAL C 168 -9.80 5.85 -28.23
N PRO C 169 -9.62 6.26 -29.48
CA PRO C 169 -8.53 5.73 -30.28
C PRO C 169 -7.28 6.55 -30.06
N TRP C 170 -6.22 6.18 -30.77
CA TRP C 170 -4.94 6.86 -30.67
C TRP C 170 -4.78 7.66 -31.96
N ILE C 171 -5.20 8.91 -31.91
CA ILE C 171 -5.12 9.82 -33.04
C ILE C 171 -4.13 10.91 -32.65
N SER C 172 -2.89 10.79 -33.08
CA SER C 172 -1.90 11.80 -32.77
C SER C 172 -0.81 11.80 -33.82
N GLN C 173 -0.21 12.97 -34.02
CA GLN C 173 0.82 13.13 -35.04
C GLN C 173 2.13 12.49 -34.61
N THR C 174 2.37 12.38 -33.32
CA THR C 174 3.64 11.91 -32.79
C THR C 174 3.52 10.47 -32.31
N HIS C 175 4.66 9.81 -32.18
CA HIS C 175 4.67 8.45 -31.69
C HIS C 175 4.49 8.37 -30.18
N TYR C 176 4.54 9.48 -29.46
CA TYR C 176 4.38 9.50 -28.03
C TYR C 176 3.70 10.81 -27.64
N ARG C 177 3.51 11.00 -26.35
CA ARG C 177 2.88 12.21 -25.84
C ARG C 177 3.42 12.49 -24.45
N TYR C 178 3.51 13.75 -24.11
CA TYR C 178 3.98 14.10 -22.78
C TYR C 178 2.90 13.83 -21.74
N VAL C 179 3.32 13.76 -20.48
CA VAL C 179 2.36 13.66 -19.39
C VAL C 179 2.13 14.99 -18.68
N VAL C 180 3.03 15.95 -18.84
CA VAL C 180 2.82 17.26 -18.26
C VAL C 180 1.94 18.05 -19.21
N GLU C 181 1.37 19.14 -18.71
CA GLU C 181 0.43 19.94 -19.49
C GLU C 181 1.19 20.70 -20.57
N ASP C 182 1.09 20.22 -21.81
CA ASP C 182 1.67 20.90 -22.94
C ASP C 182 0.55 21.24 -23.92
N GLU C 183 0.82 22.22 -24.76
CA GLU C 183 -0.12 22.60 -25.81
C GLU C 183 0.15 21.93 -27.13
N TYR C 184 1.36 21.40 -27.34
CA TYR C 184 1.69 20.82 -28.63
C TYR C 184 1.06 19.44 -28.79
N THR C 185 0.99 18.67 -27.71
CA THR C 185 0.47 17.31 -27.81
C THR C 185 -0.77 17.13 -26.93
N ALA C 186 -1.71 18.06 -27.00
CA ALA C 186 -2.96 17.89 -26.29
C ALA C 186 -3.81 16.83 -26.99
N ALA C 187 -4.74 16.24 -26.26
CA ALA C 187 -5.45 15.07 -26.74
C ALA C 187 -6.96 15.27 -26.76
N GLY C 188 -7.41 16.51 -26.90
CA GLY C 188 -8.83 16.74 -27.10
C GLY C 188 -9.64 16.61 -25.82
N TYR C 189 -10.94 16.46 -26.01
CA TYR C 189 -11.88 16.48 -24.91
C TYR C 189 -12.82 15.29 -25.01
N VAL C 190 -13.38 14.91 -23.87
CA VAL C 190 -14.38 13.84 -23.79
C VAL C 190 -15.60 14.42 -23.11
N THR C 191 -16.72 14.42 -23.81
CA THR C 191 -17.97 14.92 -23.27
C THR C 191 -19.02 13.82 -23.25
N CYS C 192 -20.16 14.12 -22.65
CA CYS C 192 -21.25 13.16 -22.56
C CYS C 192 -22.57 13.91 -22.54
N TRP C 193 -23.50 13.51 -23.41
CA TRP C 193 -24.70 14.28 -23.65
C TRP C 193 -25.94 13.42 -23.51
N TYR C 194 -27.03 14.04 -23.09
CA TYR C 194 -28.34 13.40 -23.10
C TYR C 194 -28.77 13.15 -24.53
N GLN C 195 -29.10 11.90 -24.85
CA GLN C 195 -29.79 11.65 -26.10
C GLN C 195 -31.29 11.88 -25.93
N THR C 196 -31.92 11.10 -25.07
CA THR C 196 -33.27 11.33 -24.61
C THR C 196 -33.24 11.56 -23.12
N ASN C 197 -34.41 11.77 -22.52
CA ASN C 197 -34.47 12.00 -21.09
C ASN C 197 -34.31 10.69 -20.33
N ILE C 198 -34.30 10.79 -19.00
CA ILE C 198 -34.39 9.64 -18.13
C ILE C 198 -35.85 9.56 -17.68
N VAL C 199 -36.61 8.67 -18.31
CA VAL C 199 -38.00 8.50 -17.90
C VAL C 199 -38.05 7.60 -16.68
N VAL C 200 -39.15 7.69 -15.94
CA VAL C 200 -39.24 7.03 -14.65
C VAL C 200 -40.71 6.80 -14.29
N PRO C 201 -41.07 5.65 -13.72
CA PRO C 201 -42.46 5.44 -13.29
C PRO C 201 -42.81 6.17 -12.01
N ALA C 202 -44.01 5.93 -11.51
CA ALA C 202 -44.46 6.59 -10.28
C ALA C 202 -43.79 5.97 -9.07
N ASP C 203 -43.64 6.78 -8.02
CA ASP C 203 -43.10 6.39 -6.71
C ASP C 203 -41.68 5.84 -6.81
N VAL C 204 -40.90 6.33 -7.77
CA VAL C 204 -39.48 6.05 -7.88
C VAL C 204 -38.75 7.38 -7.83
N GLN C 205 -37.59 7.40 -7.19
CA GLN C 205 -36.76 8.60 -7.19
C GLN C 205 -36.24 8.88 -8.59
N SER C 206 -35.90 10.14 -8.84
CA SER C 206 -35.51 10.59 -10.17
C SER C 206 -34.00 10.62 -10.36
N SER C 207 -33.27 11.20 -9.41
CA SER C 207 -31.85 11.52 -9.60
C SER C 207 -30.99 10.26 -9.47
N CYS C 208 -30.92 9.50 -10.57
CA CYS C 208 -30.03 8.36 -10.64
C CYS C 208 -28.59 8.82 -10.84
N ASP C 209 -27.65 7.99 -10.43
CA ASP C 209 -26.24 8.32 -10.49
C ASP C 209 -25.50 7.38 -11.43
N ILE C 210 -24.35 7.85 -11.91
CA ILE C 210 -23.55 7.14 -12.90
C ILE C 210 -22.11 7.14 -12.40
N LEU C 211 -21.47 5.98 -12.40
CA LEU C 211 -20.04 5.90 -12.13
C LEU C 211 -19.27 5.81 -13.44
N CYS C 212 -17.97 6.07 -13.35
CA CYS C 212 -17.12 6.10 -14.53
C CYS C 212 -15.74 5.57 -14.19
N PHE C 213 -15.27 4.60 -14.95
CA PHE C 213 -13.97 3.99 -14.74
C PHE C 213 -12.98 4.51 -15.78
N VAL C 214 -11.73 4.09 -15.65
CA VAL C 214 -10.73 4.33 -16.69
C VAL C 214 -9.70 3.21 -16.61
N SER C 215 -9.15 2.84 -17.76
CA SER C 215 -8.17 1.78 -17.85
C SER C 215 -7.40 1.94 -19.14
N ALA C 216 -6.37 1.14 -19.31
CA ALA C 216 -5.57 1.15 -20.53
C ALA C 216 -5.87 -0.08 -21.36
N CYS C 217 -5.53 -0.01 -22.64
CA CYS C 217 -5.77 -1.11 -23.55
C CYS C 217 -4.66 -2.15 -23.40
N ASN C 218 -4.61 -3.10 -24.32
CA ASN C 218 -3.53 -4.08 -24.31
C ASN C 218 -2.24 -3.54 -24.90
N ASP C 219 -2.28 -2.39 -25.57
CA ASP C 219 -1.11 -1.85 -26.27
C ASP C 219 -0.62 -0.53 -25.66
N PHE C 220 -0.71 -0.41 -24.35
CA PHE C 220 -0.21 0.76 -23.66
C PHE C 220 1.28 0.63 -23.41
N SER C 221 1.98 1.76 -23.38
CA SER C 221 3.42 1.74 -23.17
C SER C 221 3.88 3.07 -22.59
N VAL C 222 5.02 3.05 -21.92
CA VAL C 222 5.58 4.24 -21.28
C VAL C 222 7.09 4.28 -21.56
N ARG C 223 7.74 5.32 -21.06
CA ARG C 223 9.14 5.61 -21.34
C ARG C 223 9.65 6.66 -20.37
N MET C 224 10.98 6.73 -20.23
CA MET C 224 11.70 7.85 -19.61
C MET C 224 11.28 8.06 -18.14
N LEU C 225 11.72 7.14 -17.30
CA LEU C 225 11.35 7.13 -15.89
C LEU C 225 11.86 8.37 -15.16
N LYS C 226 10.95 9.05 -14.45
CA LYS C 226 11.29 10.22 -13.66
C LYS C 226 10.76 10.06 -12.24
N ASP C 227 10.95 11.06 -11.39
CA ASP C 227 10.44 11.02 -10.02
C ASP C 227 9.18 11.86 -9.91
N THR C 228 8.28 11.41 -9.05
CA THR C 228 6.93 11.94 -8.97
C THR C 228 6.89 13.31 -8.29
N PRO C 229 5.94 14.16 -8.63
CA PRO C 229 5.77 15.45 -7.94
C PRO C 229 4.76 15.44 -6.80
N PHE C 230 4.26 14.29 -6.37
CA PHE C 230 3.14 14.25 -5.45
C PHE C 230 3.52 14.14 -3.99
N ILE C 231 4.78 13.87 -3.66
CA ILE C 231 5.19 13.64 -2.28
C ILE C 231 6.36 14.55 -1.96
N ARG C 232 6.19 15.39 -0.95
CA ARG C 232 7.22 16.30 -0.48
C ARG C 232 7.76 15.81 0.86
N GLN C 233 8.80 16.49 1.34
CA GLN C 233 9.46 16.12 2.58
C GLN C 233 10.29 17.31 3.06
N ASP C 234 10.41 17.42 4.38
CA ASP C 234 11.25 18.46 4.96
C ASP C 234 12.13 18.00 6.10
N THR C 235 12.00 16.76 6.55
CA THR C 235 12.83 16.22 7.62
C THR C 235 12.84 14.70 7.52
N PHE C 236 13.64 14.07 8.37
CA PHE C 236 13.60 12.63 8.52
C PHE C 236 12.66 12.27 9.66
N TYR C 237 11.89 11.22 9.48
CA TYR C 237 10.91 10.84 10.48
C TYR C 237 11.55 10.15 11.67
N GLN D 4 26.69 -16.12 -21.90
CA GLN D 4 27.94 -15.37 -21.82
C GLN D 4 27.92 -14.19 -22.77
N VAL D 5 27.57 -14.45 -24.03
CA VAL D 5 27.43 -13.42 -25.04
C VAL D 5 25.98 -13.41 -25.51
N SER D 6 25.37 -12.22 -25.53
CA SER D 6 23.98 -12.09 -25.91
C SER D 6 23.79 -10.74 -26.60
N THR D 7 22.55 -10.48 -27.03
CA THR D 7 22.23 -9.27 -27.77
C THR D 7 21.89 -8.14 -26.82
N GLN D 8 22.03 -6.91 -27.32
CA GLN D 8 21.61 -5.74 -26.58
C GLN D 8 20.39 -5.12 -27.25
N LYS D 9 19.98 -3.97 -26.75
CA LYS D 9 18.74 -3.33 -27.19
C LYS D 9 18.84 -2.79 -28.61
N ILE D 25 23.79 -6.71 -33.18
CA ILE D 25 24.96 -6.44 -32.37
C ILE D 25 24.88 -7.19 -31.05
N HIS D 26 26.04 -7.46 -30.47
CA HIS D 26 26.14 -8.31 -29.28
C HIS D 26 26.95 -7.61 -28.21
N TYR D 27 27.02 -8.26 -27.04
CA TYR D 27 27.88 -7.80 -25.97
C TYR D 27 28.29 -9.00 -25.12
N THR D 28 29.40 -8.86 -24.41
CA THR D 28 30.05 -9.95 -23.70
C THR D 28 30.00 -9.68 -22.21
N ASN D 29 29.45 -10.60 -21.45
CA ASN D 29 29.33 -10.46 -20.00
C ASN D 29 29.94 -11.66 -19.32
N ILE D 30 30.88 -11.40 -18.39
CA ILE D 30 31.57 -12.45 -17.66
C ILE D 30 31.30 -12.25 -16.18
N ASN D 31 30.94 -13.32 -15.50
CA ASN D 31 30.81 -13.26 -14.05
C ASN D 31 32.17 -13.49 -13.41
N TYR D 32 32.51 -12.63 -12.45
CA TYR D 32 33.82 -12.66 -11.83
C TYR D 32 33.80 -13.23 -10.42
N TYR D 33 32.96 -12.69 -9.55
CA TYR D 33 32.91 -13.16 -8.18
C TYR D 33 32.16 -14.49 -8.12
N LYS D 34 32.45 -15.28 -7.09
CA LYS D 34 31.83 -16.57 -6.94
C LYS D 34 30.68 -16.55 -5.94
N ASP D 35 29.85 -15.52 -6.00
CA ASP D 35 28.56 -15.50 -5.31
C ASP D 35 27.44 -15.36 -6.33
N ALA D 36 26.22 -15.26 -5.81
CA ALA D 36 25.07 -15.01 -6.66
C ALA D 36 24.54 -13.60 -6.52
N ALA D 37 24.76 -12.96 -5.37
CA ALA D 37 24.35 -11.58 -5.17
C ALA D 37 25.35 -10.58 -5.71
N SER D 38 26.40 -11.06 -6.39
CA SER D 38 27.42 -10.19 -6.94
C SER D 38 27.23 -9.89 -8.41
N ASN D 39 26.30 -10.56 -9.08
CA ASN D 39 26.09 -10.32 -10.49
C ASN D 39 25.41 -8.97 -10.72
N SER D 40 25.50 -8.49 -11.95
CA SER D 40 24.82 -7.26 -12.32
C SER D 40 23.33 -7.52 -12.48
N ALA D 41 22.56 -6.44 -12.61
CA ALA D 41 21.13 -6.56 -12.79
C ALA D 41 20.81 -7.17 -14.15
N ASN D 42 19.72 -7.91 -14.22
CA ASN D 42 19.38 -8.64 -15.44
C ASN D 42 18.91 -7.69 -16.54
N ARG D 43 17.91 -6.87 -16.23
CA ARG D 43 17.29 -5.86 -17.10
C ARG D 43 16.66 -6.46 -18.37
N GLN D 44 16.56 -7.78 -18.49
CA GLN D 44 16.03 -8.39 -19.70
C GLN D 44 15.14 -9.58 -19.36
N ASP D 45 14.29 -9.41 -18.35
CA ASP D 45 13.29 -10.43 -18.00
C ASP D 45 11.98 -9.95 -18.63
N PHE D 46 11.82 -10.23 -19.91
CA PHE D 46 10.67 -9.72 -20.66
C PHE D 46 9.62 -10.82 -20.73
N THR D 47 8.73 -10.83 -19.75
CA THR D 47 7.54 -11.68 -19.78
C THR D 47 6.44 -10.99 -19.01
N GLN D 48 5.21 -11.17 -19.47
CA GLN D 48 4.05 -10.61 -18.80
C GLN D 48 2.85 -11.52 -19.01
N ASP D 49 1.89 -11.42 -18.12
CA ASP D 49 0.68 -12.24 -18.17
C ASP D 49 -0.41 -11.47 -17.43
N PRO D 50 -1.10 -10.56 -18.12
CA PRO D 50 -2.11 -9.74 -17.42
C PRO D 50 -3.41 -10.46 -17.16
N GLY D 51 -3.54 -11.74 -17.54
CA GLY D 51 -4.79 -12.45 -17.39
C GLY D 51 -5.18 -12.74 -15.95
N LYS D 52 -4.23 -12.68 -15.04
CA LYS D 52 -4.50 -12.90 -13.63
C LYS D 52 -4.91 -11.63 -12.90
N PHE D 53 -5.14 -10.53 -13.64
CA PHE D 53 -5.63 -9.31 -13.01
C PHE D 53 -6.87 -8.80 -13.74
N THR D 54 -6.91 -8.97 -15.05
CA THR D 54 -8.04 -8.49 -15.82
C THR D 54 -9.24 -9.43 -15.73
N GLU D 55 -9.01 -10.73 -15.97
CA GLU D 55 -10.08 -11.72 -15.93
C GLU D 55 -9.80 -12.80 -14.88
N PRO D 56 -10.00 -12.48 -13.60
CA PRO D 56 -9.83 -13.48 -12.54
C PRO D 56 -11.11 -14.22 -12.20
N VAL D 57 -11.81 -14.71 -13.23
CA VAL D 57 -13.12 -15.31 -13.03
C VAL D 57 -13.03 -16.80 -13.32
N LYS D 58 -14.11 -17.50 -13.01
CA LYS D 58 -14.16 -18.96 -13.15
C LYS D 58 -14.72 -19.36 -14.50
N ASP D 59 -15.95 -18.96 -14.80
CA ASP D 59 -16.50 -19.19 -16.13
C ASP D 59 -15.87 -18.22 -17.11
N ILE D 60 -15.44 -18.74 -18.28
CA ILE D 60 -14.71 -17.91 -19.21
C ILE D 60 -15.68 -16.95 -19.92
N MET D 61 -15.14 -15.84 -20.40
CA MET D 61 -15.95 -14.74 -20.92
C MET D 61 -15.47 -14.37 -22.31
N VAL D 62 -16.37 -14.39 -23.27
CA VAL D 62 -16.06 -14.06 -24.65
C VAL D 62 -16.37 -12.59 -24.88
N LYS D 63 -15.66 -11.96 -25.81
CA LYS D 63 -15.88 -10.55 -26.09
C LYS D 63 -17.21 -10.34 -26.80
N THR D 64 -17.50 -11.15 -27.81
CA THR D 64 -18.61 -10.87 -28.71
C THR D 64 -19.98 -11.15 -28.08
N MET D 65 -20.09 -12.17 -27.26
CA MET D 65 -21.39 -12.53 -26.70
C MET D 65 -21.73 -11.59 -25.54
N PRO D 66 -23.02 -11.45 -25.23
CA PRO D 66 -23.40 -10.68 -24.04
C PRO D 66 -22.99 -11.38 -22.76
N ALA D 67 -22.77 -10.58 -21.72
CA ALA D 67 -22.15 -11.10 -20.50
C ALA D 67 -23.13 -11.91 -19.66
N LEU D 68 -24.42 -11.62 -19.74
CA LEU D 68 -25.40 -12.36 -18.95
C LEU D 68 -26.43 -13.03 -19.84
N LEU E 1 13.34 -0.37 19.80
CA LEU E 1 12.69 0.14 21.00
C LEU E 1 11.43 0.93 20.66
N SER E 2 10.36 0.67 21.39
CA SER E 2 9.07 1.28 21.12
C SER E 2 8.19 1.17 22.36
N ILE E 3 7.55 2.26 22.72
CA ILE E 3 6.65 2.32 23.86
C ILE E 3 5.23 2.12 23.35
N THR E 4 4.32 1.65 24.21
CA THR E 4 2.98 1.26 23.78
C THR E 4 2.15 2.46 23.37
N THR E 5 2.13 3.50 24.17
CA THR E 5 1.32 4.67 23.85
C THR E 5 2.11 5.93 24.17
N PRO E 6 2.70 6.59 23.17
CA PRO E 6 3.64 7.68 23.44
C PRO E 6 3.03 8.94 24.05
N GLU E 7 1.71 9.10 24.07
CA GLU E 7 1.09 10.15 24.87
C GLU E 7 -0.34 9.77 25.23
N GLU E 8 -0.76 10.17 26.43
CA GLU E 8 -2.13 10.02 26.87
C GLU E 8 -2.41 11.05 27.94
N MET E 9 -3.64 11.05 28.43
CA MET E 9 -4.07 11.90 29.54
C MET E 9 -4.53 11.02 30.68
N ILE E 10 -4.03 11.28 31.88
CA ILE E 10 -4.40 10.53 33.08
C ILE E 10 -5.06 11.50 34.05
N GLU E 11 -6.23 11.13 34.56
CA GLU E 11 -6.99 11.96 35.48
C GLU E 11 -7.15 11.21 36.80
N LYS E 12 -6.57 11.76 37.87
CA LYS E 12 -6.66 11.17 39.19
C LYS E 12 -7.09 12.25 40.19
N ALA E 13 -7.29 11.82 41.44
CA ALA E 13 -7.72 12.70 42.51
C ALA E 13 -6.63 12.83 43.56
N LYS E 14 -6.74 13.90 44.36
CA LYS E 14 -5.73 14.20 45.37
C LYS E 14 -5.77 13.18 46.51
N GLY E 15 -4.59 12.89 47.05
CA GLY E 15 -4.45 11.89 48.08
C GLY E 15 -4.32 10.47 47.57
N GLU E 16 -4.56 10.24 46.28
CA GLU E 16 -4.48 8.91 45.70
C GLU E 16 -3.05 8.61 45.28
N THR E 17 -2.84 7.48 44.62
CA THR E 17 -1.53 7.06 44.12
C THR E 17 -1.62 6.94 42.62
N ALA E 18 -0.85 7.76 41.90
CA ALA E 18 -0.83 7.68 40.46
C ALA E 18 -0.01 6.49 40.00
N TYR E 19 -0.33 6.00 38.80
CA TYR E 19 0.35 4.86 38.20
C TYR E 19 0.64 5.24 36.76
N LEU E 20 1.85 5.73 36.50
CA LEU E 20 2.26 6.17 35.18
C LEU E 20 3.00 5.03 34.49
N PRO E 21 2.37 4.34 33.54
CA PRO E 21 3.03 3.16 32.96
C PRO E 21 4.04 3.55 31.90
N CYS E 22 5.04 2.70 31.73
CA CYS E 22 6.01 2.86 30.65
C CYS E 22 6.53 1.46 30.32
N LYS E 23 5.96 0.83 29.31
CA LYS E 23 6.38 -0.51 28.90
C LYS E 23 6.99 -0.45 27.51
N PHE E 24 7.76 -1.47 27.18
CA PHE E 24 8.41 -1.52 25.88
C PHE E 24 8.70 -2.95 25.51
N THR E 25 9.11 -3.14 24.26
CA THR E 25 9.66 -4.39 23.77
C THR E 25 11.08 -4.14 23.31
N LEU E 26 11.71 -5.18 22.78
CA LEU E 26 13.12 -5.12 22.42
C LEU E 26 13.31 -5.66 21.01
N SER E 27 13.70 -4.79 20.10
CA SER E 27 14.12 -5.21 18.77
C SER E 27 15.45 -5.96 18.87
N PRO E 28 15.75 -6.85 17.92
CA PRO E 28 16.98 -7.65 18.05
C PRO E 28 18.30 -6.90 17.93
N GLU E 29 18.34 -5.66 17.44
CA GLU E 29 19.63 -4.99 17.34
C GLU E 29 20.08 -4.40 18.67
N ASP E 30 19.19 -4.27 19.64
CA ASP E 30 19.48 -3.55 20.88
C ASP E 30 20.32 -4.43 21.81
N GLN E 31 21.62 -4.16 21.88
CA GLN E 31 22.52 -4.97 22.68
C GLN E 31 23.36 -4.19 23.66
N GLY E 32 23.18 -2.88 23.77
CA GLY E 32 24.00 -2.08 24.64
C GLY E 32 23.54 -2.10 26.08
N PRO E 33 24.03 -1.17 26.88
CA PRO E 33 23.57 -1.06 28.27
C PRO E 33 22.27 -0.25 28.35
N LEU E 34 21.53 -0.50 29.43
CA LEU E 34 20.22 0.09 29.60
C LEU E 34 20.33 1.47 30.23
N ASP E 35 19.30 2.29 29.99
CA ASP E 35 19.23 3.65 30.52
C ASP E 35 17.76 4.02 30.58
N ILE E 36 17.31 4.52 31.72
CA ILE E 36 15.92 4.93 31.92
C ILE E 36 15.91 6.24 32.69
N GLU E 37 15.21 7.24 32.15
CA GLU E 37 15.05 8.53 32.80
C GLU E 37 13.58 8.80 33.07
N TRP E 38 13.32 9.88 33.79
CA TRP E 38 11.98 10.44 33.92
C TRP E 38 12.12 11.94 34.10
N LEU E 39 11.26 12.70 33.46
CA LEU E 39 11.36 14.15 33.45
C LEU E 39 10.06 14.77 33.95
N ILE E 40 10.05 16.11 34.02
CA ILE E 40 8.87 16.87 34.43
C ILE E 40 9.04 18.28 33.89
N SER E 41 7.94 18.88 33.44
CA SER E 41 7.94 20.28 32.99
C SER E 41 6.62 20.93 33.36
N PRO E 42 6.50 21.44 34.59
CA PRO E 42 5.26 22.08 35.06
C PRO E 42 5.03 23.44 34.43
N ASP E 49 11.98 20.22 32.81
CA ASP E 49 13.10 19.42 32.31
C ASP E 49 14.04 19.03 33.43
N GLN E 50 13.45 18.69 34.58
CA GLN E 50 14.20 18.25 35.74
C GLN E 50 14.05 16.75 35.89
N VAL E 51 15.17 16.05 36.05
CA VAL E 51 15.14 14.60 36.24
C VAL E 51 14.60 14.29 37.63
N ILE E 52 13.75 13.28 37.72
CA ILE E 52 13.22 12.86 39.02
C ILE E 52 13.68 11.47 39.44
N ILE E 53 14.14 10.62 38.53
CA ILE E 53 14.66 9.30 38.88
C ILE E 53 15.59 8.86 37.76
N LEU E 54 16.45 7.88 38.04
CA LEU E 54 17.39 7.37 37.07
C LEU E 54 17.46 5.85 37.19
N TYR E 55 17.98 5.23 36.14
CA TYR E 55 18.34 3.82 36.19
C TYR E 55 19.47 3.59 35.19
N SER E 56 20.68 3.42 35.69
CA SER E 56 21.83 3.17 34.83
C SER E 56 22.87 2.43 35.64
N GLY E 57 23.45 1.41 35.03
CA GLY E 57 24.46 0.60 35.71
C GLY E 57 23.89 -0.27 36.80
N ASP E 58 22.64 -0.72 36.65
CA ASP E 58 21.89 -1.65 37.49
C ASP E 58 21.56 -1.08 38.88
N LYS E 59 21.94 0.16 39.18
CA LYS E 59 21.68 0.74 40.48
C LYS E 59 20.83 1.99 40.34
N ILE E 60 19.88 2.15 41.24
CA ILE E 60 18.91 3.23 41.18
C ILE E 60 19.46 4.44 41.92
N TYR E 61 19.32 5.61 41.31
CA TYR E 61 19.61 6.89 41.96
C TYR E 61 18.36 7.74 41.88
N ASP E 62 17.86 8.18 43.05
CA ASP E 62 16.51 8.72 43.08
C ASP E 62 16.35 9.96 43.95
N ASP E 63 17.42 10.64 44.33
CA ASP E 63 17.31 11.89 45.08
C ASP E 63 17.66 13.07 44.16
N TYR E 64 16.65 13.50 43.41
CA TYR E 64 16.93 14.53 42.41
C TYR E 64 15.97 15.72 42.48
N TYR E 65 14.70 15.48 42.77
CA TYR E 65 13.72 16.56 42.83
C TYR E 65 13.36 16.85 44.26
N PRO E 66 13.49 18.10 44.73
CA PRO E 66 13.24 18.38 46.15
C PRO E 66 11.76 18.33 46.52
N ASP E 67 10.86 18.67 45.60
CA ASP E 67 9.43 18.65 45.93
C ASP E 67 8.88 17.23 46.00
N LEU E 68 9.53 16.28 45.34
CA LEU E 68 9.08 14.90 45.30
C LEU E 68 10.06 13.99 46.03
N LYS E 69 10.63 14.48 47.12
CA LYS E 69 11.67 13.76 47.84
C LYS E 69 11.06 12.58 48.59
N GLY E 70 11.43 11.37 48.19
CA GLY E 70 10.95 10.18 48.86
C GLY E 70 9.49 9.89 48.63
N ARG E 71 8.96 10.22 47.45
CA ARG E 71 7.57 9.96 47.13
C ARG E 71 7.37 9.16 45.85
N VAL E 72 8.41 8.95 45.07
CA VAL E 72 8.31 8.22 43.81
C VAL E 72 9.25 7.03 43.83
N HIS E 73 8.77 5.90 43.30
CA HIS E 73 9.53 4.67 43.28
C HIS E 73 9.21 3.93 41.99
N PHE E 74 10.11 3.06 41.58
CA PHE E 74 9.78 2.11 40.54
C PHE E 74 8.82 1.07 41.09
N THR E 75 8.13 0.37 40.18
CA THR E 75 7.16 -0.63 40.60
C THR E 75 7.72 -2.04 40.55
N SER E 76 8.22 -2.47 39.40
CA SER E 76 8.54 -3.88 39.24
C SER E 76 9.95 -4.18 39.74
N ASN E 77 10.25 -5.47 39.84
CA ASN E 77 11.58 -5.97 40.16
C ASN E 77 12.32 -6.47 38.93
N ASP E 78 11.70 -6.38 37.75
CA ASP E 78 12.20 -7.00 36.53
C ASP E 78 12.38 -5.96 35.44
N LEU E 79 13.11 -4.89 35.75
CA LEU E 79 13.19 -3.70 34.89
C LEU E 79 13.79 -3.97 33.53
N LYS E 80 14.55 -5.05 33.36
CA LYS E 80 15.11 -5.40 32.08
C LYS E 80 14.21 -6.32 31.26
N SER E 81 12.91 -6.34 31.56
CA SER E 81 11.95 -7.12 30.82
C SER E 81 10.90 -6.27 30.13
N GLY E 82 10.93 -4.95 30.31
CA GLY E 82 9.96 -4.08 29.68
C GLY E 82 9.04 -3.42 30.67
N ASP E 83 9.53 -3.17 31.89
CA ASP E 83 8.78 -2.45 32.91
C ASP E 83 9.56 -1.19 33.28
N ALA E 84 8.91 -0.04 33.16
CA ALA E 84 9.52 1.19 33.66
C ALA E 84 8.49 2.07 34.36
N SER E 85 7.40 1.49 34.85
CA SER E 85 6.34 2.26 35.48
C SER E 85 6.78 2.75 36.85
N ILE E 86 6.28 3.92 37.23
CA ILE E 86 6.55 4.46 38.55
C ILE E 86 5.22 4.70 39.26
N ASN E 87 5.29 4.66 40.59
CA ASN E 87 4.14 4.86 41.47
C ASN E 87 4.34 6.18 42.19
N VAL E 88 3.55 7.19 41.85
CA VAL E 88 3.63 8.49 42.49
C VAL E 88 2.65 8.47 43.67
N THR E 89 3.19 8.43 44.88
CA THR E 89 2.38 8.42 46.09
C THR E 89 2.09 9.84 46.54
N ASN E 90 0.92 10.01 47.17
CA ASN E 90 0.48 11.25 47.83
C ASN E 90 0.45 12.42 46.85
N LEU E 91 -0.47 12.31 45.89
CA LEU E 91 -0.63 13.32 44.86
C LEU E 91 -1.14 14.64 45.46
N GLN E 92 -0.53 15.73 45.02
CA GLN E 92 -0.90 17.06 45.45
C GLN E 92 -1.30 17.90 44.24
N LEU E 93 -1.70 19.14 44.50
CA LEU E 93 -2.18 20.00 43.42
C LEU E 93 -1.03 20.47 42.54
N SER E 94 0.18 20.57 43.09
CA SER E 94 1.32 21.10 42.37
C SER E 94 2.04 20.05 41.53
N ASP E 95 1.43 18.88 41.31
CA ASP E 95 2.01 17.84 40.46
C ASP E 95 1.50 17.90 39.04
N ILE E 96 1.17 19.09 38.54
CA ILE E 96 0.68 19.27 37.19
C ILE E 96 1.87 19.47 36.26
N GLY E 97 1.97 18.63 35.23
CA GLY E 97 3.04 18.76 34.26
C GLY E 97 3.19 17.52 33.43
N THR E 98 3.87 17.68 32.31
CA THR E 98 4.10 16.57 31.40
C THR E 98 5.30 15.75 31.86
N TYR E 99 5.11 14.45 31.99
CA TYR E 99 6.16 13.53 32.41
C TYR E 99 6.66 12.77 31.20
N GLN E 100 7.98 12.60 31.13
CA GLN E 100 8.65 12.09 29.94
C GLN E 100 9.48 10.87 30.31
N CYS E 101 9.08 9.70 29.82
CA CYS E 101 9.79 8.45 30.09
C CYS E 101 10.79 8.22 28.96
N LYS E 102 12.06 8.53 29.20
CA LYS E 102 13.10 8.40 28.20
C LYS E 102 13.86 7.11 28.45
N VAL E 103 13.78 6.17 27.52
CA VAL E 103 14.53 4.92 27.58
C VAL E 103 15.52 4.92 26.44
N LYS E 104 16.74 4.46 26.71
CA LYS E 104 17.79 4.50 25.69
C LYS E 104 18.67 3.27 25.87
N LYS E 105 18.33 2.22 25.14
CA LYS E 105 19.18 1.05 24.97
C LYS E 105 19.71 1.10 23.56
N ALA E 106 21.03 1.23 23.42
CA ALA E 106 21.62 1.50 22.12
C ALA E 106 21.50 0.29 21.20
N PRO E 107 21.20 0.49 19.91
CA PRO E 107 21.01 1.76 19.21
C PRO E 107 19.56 2.21 19.08
N GLY E 108 18.80 2.16 20.17
CA GLY E 108 17.42 2.60 20.14
C GLY E 108 17.11 3.65 21.18
N VAL E 109 16.07 4.45 20.94
CA VAL E 109 15.69 5.53 21.84
C VAL E 109 14.21 5.81 21.61
N ALA E 110 13.49 6.04 22.71
CA ALA E 110 12.06 6.31 22.62
C ALA E 110 11.64 7.21 23.77
N ASN E 111 10.53 7.91 23.57
CA ASN E 111 9.99 8.83 24.56
C ASN E 111 8.54 8.48 24.82
N LYS E 112 7.98 9.06 25.88
CA LYS E 112 6.56 8.90 26.20
C LYS E 112 6.15 10.09 27.05
N LYS E 113 5.36 10.99 26.47
CA LYS E 113 4.97 12.22 27.17
C LYS E 113 3.63 11.98 27.85
N ILE E 114 3.66 11.79 29.17
CA ILE E 114 2.45 11.54 29.94
C ILE E 114 1.98 12.84 30.56
N HIS E 115 0.77 13.26 30.18
CA HIS E 115 0.16 14.47 30.72
C HIS E 115 -0.72 14.08 31.91
N LEU E 116 -0.37 14.58 33.09
CA LEU E 116 -1.06 14.25 34.32
C LEU E 116 -1.78 15.47 34.84
N VAL E 117 -3.11 15.37 34.93
CA VAL E 117 -3.95 16.46 35.41
C VAL E 117 -4.83 15.92 36.53
N VAL E 118 -4.77 16.54 37.69
CA VAL E 118 -5.64 16.16 38.80
C VAL E 118 -6.65 17.27 39.04
#